data_4KF6
#
_entry.id   4KF6
#
_cell.length_a   81.884
_cell.length_b   122.399
_cell.length_c   149.990
_cell.angle_alpha   90.000
_cell.angle_beta   90.000
_cell.angle_gamma   90.000
#
_symmetry.space_group_name_H-M   'P 21 21 21'
#
loop_
_entity.id
_entity.type
_entity.pdbx_description
1 polymer 'Glycolipid transfer protein domain-containing protein 1'
2 non-polymer '(2S,3R,4E)-3-hydroxy-2-(octanoylamino)octadec-4-en-1-yl dihydrogen phosphate'
3 water water
#
_entity_poly.entity_id   1
_entity_poly.type   'polypeptide(L)'
_entity_poly.pdbx_seq_one_letter_code
;SMDDSETGFNLKVVLVSFKQCLDEKEEVLLDPYIASWKGLVRFLNSLGTIFSFISKDVVSKLRIMERLRGGPQSEHYRSL
QAMVAHELSNRLVDLERRSHHPESGCRTVLRLHRALHWLQLFLEGLRTSPEDARTSALCADSYNASLAAYHPWVVRRAVT
VAFCTLPTREVFLEAMNVGPPEQAVQMLGEALPFIQRVYNVSQKLYAEHSLLDLP
;
_entity_poly.pdbx_strand_id   A,B,C,D,E,F
#
# COMPACT_ATOMS: atom_id res chain seq x y z
N ASN A 10 13.92 -22.20 19.29
CA ASN A 10 13.98 -22.36 20.74
C ASN A 10 12.99 -21.44 21.48
N LEU A 11 11.72 -21.80 21.43
CA LEU A 11 10.64 -21.01 22.02
C LEU A 11 10.51 -21.33 23.52
N LYS A 12 10.91 -22.55 23.87
CA LYS A 12 10.86 -23.02 25.25
C LYS A 12 11.70 -22.10 26.14
N VAL A 13 12.79 -21.61 25.58
CA VAL A 13 13.68 -20.67 26.27
C VAL A 13 12.92 -19.38 26.65
N VAL A 14 12.21 -18.82 25.68
CA VAL A 14 11.49 -17.56 25.87
C VAL A 14 10.32 -17.70 26.83
N LEU A 15 9.48 -18.71 26.63
CA LEU A 15 8.32 -18.92 27.48
C LEU A 15 8.66 -19.16 28.94
N VAL A 16 9.93 -19.45 29.23
CA VAL A 16 10.31 -19.68 30.63
C VAL A 16 11.16 -18.52 31.14
N SER A 17 11.56 -17.62 30.26
CA SER A 17 12.25 -16.42 30.71
C SER A 17 11.25 -15.50 31.39
N PHE A 18 9.98 -15.93 31.42
CA PHE A 18 8.92 -15.21 32.11
C PHE A 18 8.85 -15.62 33.59
N LYS A 19 9.70 -16.57 34.00
CA LYS A 19 9.75 -16.93 35.41
C LYS A 19 10.44 -15.80 36.18
N GLN A 20 11.47 -15.23 35.55
CA GLN A 20 12.28 -14.18 36.17
C GLN A 20 11.61 -12.82 36.18
N CYS A 21 10.40 -12.77 35.68
CA CYS A 21 9.63 -11.55 35.64
C CYS A 21 9.03 -11.29 37.02
N LEU A 22 8.63 -12.37 37.68
CA LEU A 22 8.08 -12.30 39.03
C LEU A 22 9.14 -12.62 40.10
N ASP A 23 9.38 -11.66 41.02
CA ASP A 23 10.29 -11.93 42.13
C ASP A 23 9.51 -12.48 43.33
N GLU A 24 10.17 -12.61 44.47
CA GLU A 24 9.55 -13.11 45.71
C GLU A 24 8.29 -12.33 46.09
N LYS A 25 8.35 -11.01 45.97
CA LYS A 25 7.24 -10.16 46.38
C LYS A 25 6.08 -10.17 45.38
N GLU A 26 6.22 -10.98 44.33
CA GLU A 26 5.21 -11.12 43.28
C GLU A 26 5.02 -9.84 42.49
N GLU A 27 6.13 -9.13 42.26
CA GLU A 27 6.11 -7.91 41.45
C GLU A 27 6.69 -8.19 40.06
N VAL A 28 6.07 -7.61 39.03
CA VAL A 28 6.55 -7.77 37.67
C VAL A 28 7.71 -6.83 37.40
N LEU A 29 8.90 -7.38 37.17
CA LEU A 29 10.10 -6.60 36.92
C LEU A 29 10.23 -6.18 35.45
N LEU A 30 10.54 -4.92 35.20
CA LEU A 30 10.53 -4.40 33.84
C LEU A 30 11.68 -4.95 33.00
N ASP A 31 12.81 -5.23 33.63
CA ASP A 31 13.99 -5.66 32.87
C ASP A 31 13.88 -7.08 32.32
N PRO A 32 13.38 -8.05 33.12
CA PRO A 32 13.12 -9.35 32.52
C PRO A 32 11.96 -9.30 31.54
N TYR A 33 10.99 -8.44 31.82
CA TYR A 33 9.84 -8.23 30.95
C TYR A 33 10.29 -7.86 29.53
N ILE A 34 11.07 -6.79 29.42
CA ILE A 34 11.61 -6.35 28.15
C ILE A 34 12.47 -7.46 27.51
N ALA A 35 13.29 -8.12 28.33
CA ALA A 35 14.16 -9.20 27.84
C ALA A 35 13.36 -10.35 27.25
N SER A 36 12.38 -10.83 28.00
CA SER A 36 11.49 -11.88 27.51
C SER A 36 10.72 -11.41 26.28
N TRP A 37 10.37 -10.13 26.25
CA TRP A 37 9.61 -9.62 25.12
C TRP A 37 10.44 -9.57 23.85
N LYS A 38 11.69 -9.15 23.97
CA LYS A 38 12.59 -9.17 22.82
C LYS A 38 12.69 -10.61 22.31
N GLY A 39 12.62 -11.56 23.23
CA GLY A 39 12.62 -12.95 22.87
C GLY A 39 11.38 -13.36 22.11
N LEU A 40 10.24 -12.79 22.48
CA LEU A 40 9.00 -13.07 21.77
C LEU A 40 9.00 -12.39 20.40
N VAL A 41 9.54 -11.16 20.36
CA VAL A 41 9.70 -10.45 19.10
C VAL A 41 10.56 -11.27 18.15
N ARG A 42 11.66 -11.79 18.67
CA ARG A 42 12.55 -12.65 17.91
C ARG A 42 11.77 -13.79 17.29
N PHE A 43 10.80 -14.33 18.04
CA PHE A 43 9.99 -15.44 17.57
C PHE A 43 8.97 -15.05 16.50
N LEU A 44 8.46 -13.83 16.56
CA LEU A 44 7.47 -13.41 15.59
C LEU A 44 8.10 -13.16 14.21
N ASN A 45 9.24 -12.48 14.19
CA ASN A 45 9.98 -12.25 12.96
C ASN A 45 10.29 -13.54 12.22
N SER A 46 10.30 -14.66 12.95
CA SER A 46 10.58 -15.95 12.34
C SER A 46 9.32 -16.60 11.78
N LEU A 47 8.35 -15.78 11.39
CA LEU A 47 7.09 -16.28 10.84
C LEU A 47 6.81 -15.66 9.48
N GLY A 48 7.70 -14.79 9.03
CA GLY A 48 7.56 -14.13 7.74
C GLY A 48 7.95 -12.68 7.85
N THR A 49 8.17 -12.03 6.72
CA THR A 49 8.48 -10.60 6.72
C THR A 49 7.21 -9.79 6.91
N ILE A 50 6.06 -10.44 6.76
CA ILE A 50 4.80 -9.78 7.01
C ILE A 50 4.63 -9.60 8.52
N PHE A 51 4.84 -10.66 9.28
CA PHE A 51 4.84 -10.57 10.73
C PHE A 51 5.93 -9.64 11.28
N SER A 52 7.12 -9.69 10.69
CA SER A 52 8.18 -8.77 11.06
C SER A 52 7.67 -7.33 11.04
N PHE A 53 6.79 -7.04 10.08
CA PHE A 53 6.20 -5.71 9.93
C PHE A 53 5.31 -5.39 11.12
N ILE A 54 4.57 -6.38 11.61
CA ILE A 54 3.70 -6.24 12.78
C ILE A 54 4.47 -5.87 14.06
N SER A 55 5.44 -6.72 14.39
CA SER A 55 6.24 -6.57 15.60
C SER A 55 7.09 -5.29 15.64
N LYS A 56 7.07 -4.52 14.55
CA LYS A 56 7.85 -3.29 14.49
C LYS A 56 7.40 -2.34 15.59
N ASP A 57 6.15 -2.48 16.02
CA ASP A 57 5.59 -1.57 17.01
C ASP A 57 5.92 -2.05 18.42
N VAL A 58 5.79 -3.35 18.66
CA VAL A 58 6.19 -3.93 19.94
C VAL A 58 7.63 -3.52 20.26
N VAL A 59 8.49 -3.51 19.25
CA VAL A 59 9.87 -3.10 19.47
C VAL A 59 9.95 -1.62 19.84
N SER A 60 9.24 -0.77 19.10
CA SER A 60 9.27 0.67 19.36
C SER A 60 8.85 0.98 20.80
N LYS A 61 7.98 0.14 21.36
CA LYS A 61 7.50 0.30 22.72
C LYS A 61 8.49 -0.23 23.74
N LEU A 62 9.15 -1.34 23.44
CA LEU A 62 10.22 -1.84 24.29
C LEU A 62 11.34 -0.82 24.40
N ARG A 63 11.51 -0.01 23.36
CA ARG A 63 12.50 1.05 23.41
C ARG A 63 12.08 2.12 24.39
N ILE A 64 10.81 2.54 24.28
CA ILE A 64 10.28 3.54 25.19
C ILE A 64 10.57 3.08 26.61
N MET A 65 10.38 1.80 26.88
CA MET A 65 10.58 1.29 28.23
C MET A 65 12.06 1.24 28.63
N GLU A 66 12.92 0.93 27.67
CA GLU A 66 14.36 0.96 27.90
C GLU A 66 14.84 2.38 28.16
N ARG A 67 14.34 3.32 27.35
CA ARG A 67 14.72 4.74 27.46
C ARG A 67 14.36 5.35 28.80
N LEU A 68 13.40 4.76 29.51
CA LEU A 68 13.03 5.22 30.84
C LEU A 68 13.88 4.55 31.91
N ARG A 69 14.12 3.25 31.76
CA ARG A 69 14.96 2.52 32.70
C ARG A 69 16.42 2.96 32.62
N GLY A 70 16.78 3.67 31.55
CA GLY A 70 18.12 4.20 31.42
C GLY A 70 18.16 5.69 31.63
N GLY A 71 17.23 6.18 32.45
CA GLY A 71 17.12 7.60 32.70
C GLY A 71 17.14 7.96 34.17
N PRO A 72 16.99 9.26 34.47
CA PRO A 72 16.92 9.85 35.81
C PRO A 72 15.99 9.15 36.78
N GLN A 73 14.96 8.48 36.26
CA GLN A 73 13.97 7.87 37.13
C GLN A 73 14.06 6.35 37.03
N SER A 74 15.22 5.86 36.58
CA SER A 74 15.48 4.45 36.34
C SER A 74 15.04 3.51 37.48
N GLU A 75 15.12 4.01 38.71
CA GLU A 75 14.80 3.22 39.88
C GLU A 75 13.29 3.03 40.00
N HIS A 76 12.55 3.98 39.44
CA HIS A 76 11.09 3.98 39.51
C HIS A 76 10.48 3.04 38.50
N TYR A 77 11.29 2.64 37.53
CA TYR A 77 10.82 1.73 36.49
C TYR A 77 11.39 0.33 36.71
N ARG A 78 11.88 0.09 37.92
CA ARG A 78 12.40 -1.22 38.30
C ARG A 78 11.32 -2.28 38.20
N SER A 79 10.11 -1.91 38.59
CA SER A 79 8.97 -2.82 38.50
C SER A 79 7.75 -2.09 37.96
N LEU A 80 6.71 -2.84 37.63
CA LEU A 80 5.46 -2.25 37.14
C LEU A 80 4.77 -1.47 38.23
N GLN A 81 4.61 -2.09 39.41
CA GLN A 81 4.04 -1.37 40.55
C GLN A 81 4.82 -0.11 40.86
N ALA A 82 6.15 -0.22 40.90
CA ALA A 82 7.02 0.93 41.07
C ALA A 82 6.71 1.98 40.02
N MET A 83 6.48 1.52 38.80
CA MET A 83 6.14 2.43 37.72
C MET A 83 4.81 3.11 37.95
N VAL A 84 3.76 2.31 38.14
CA VAL A 84 2.41 2.80 38.33
C VAL A 84 2.36 3.77 39.49
N ALA A 85 3.08 3.47 40.56
CA ALA A 85 3.09 4.35 41.72
C ALA A 85 3.66 5.72 41.37
N HIS A 86 4.85 5.72 40.79
CA HIS A 86 5.55 6.94 40.41
C HIS A 86 4.74 7.80 39.45
N GLU A 87 4.28 7.18 38.36
CA GLU A 87 3.62 7.91 37.29
C GLU A 87 2.24 8.40 37.70
N LEU A 88 1.45 7.52 38.29
CA LEU A 88 0.10 7.89 38.72
C LEU A 88 0.16 9.02 39.76
N SER A 89 1.14 8.98 40.65
CA SER A 89 1.21 9.99 41.69
C SER A 89 1.79 11.28 41.17
N ASN A 90 2.73 11.17 40.24
CA ASN A 90 3.32 12.36 39.64
C ASN A 90 2.53 12.90 38.46
N ARG A 91 1.34 12.35 38.27
CA ARG A 91 0.43 12.80 37.22
C ARG A 91 1.09 12.78 35.84
N LEU A 92 1.88 11.74 35.64
CA LEU A 92 2.62 11.51 34.40
C LEU A 92 1.83 10.64 33.43
N VAL A 93 0.59 10.33 33.76
CA VAL A 93 -0.24 9.46 32.91
C VAL A 93 -1.47 10.18 32.39
N ASP A 94 -1.75 10.04 31.10
CA ASP A 94 -3.00 10.57 30.56
C ASP A 94 -4.13 9.59 30.84
N LEU A 95 -5.04 9.94 31.74
CA LEU A 95 -6.11 9.00 32.10
C LEU A 95 -7.35 9.17 31.25
N GLU A 96 -7.60 10.40 30.83
CA GLU A 96 -8.82 10.76 30.12
C GLU A 96 -8.71 10.47 28.62
N ARG A 97 -8.02 11.34 27.91
CA ARG A 97 -7.76 11.14 26.48
C ARG A 97 -6.33 11.52 26.11
N ARG A 98 -5.95 11.16 24.87
CA ARG A 98 -4.60 11.42 24.36
C ARG A 98 -4.24 12.89 24.50
N SER A 99 -3.08 13.14 25.09
CA SER A 99 -2.70 14.49 25.48
C SER A 99 -1.23 14.50 25.88
N HIS A 100 -0.89 15.41 26.79
CA HIS A 100 0.49 15.65 27.18
C HIS A 100 1.42 14.46 27.42
N HIS A 101 0.89 13.32 27.83
CA HIS A 101 1.74 12.17 28.13
C HIS A 101 1.47 10.98 27.26
N PRO A 102 1.89 11.05 25.98
CA PRO A 102 1.54 10.03 24.99
C PRO A 102 2.44 8.82 25.01
N GLU A 103 3.52 8.88 25.78
CA GLU A 103 4.50 7.81 25.85
C GLU A 103 4.84 7.45 27.29
N SER A 104 3.88 7.67 28.18
CA SER A 104 4.00 7.29 29.58
C SER A 104 4.28 5.80 29.71
N GLY A 105 4.90 5.41 30.81
CA GLY A 105 5.22 4.01 31.04
C GLY A 105 3.96 3.15 31.11
N CYS A 106 2.92 3.67 31.76
CA CYS A 106 1.69 2.92 31.97
C CYS A 106 0.93 2.65 30.68
N ARG A 107 0.76 3.67 29.84
CA ARG A 107 0.01 3.46 28.60
C ARG A 107 0.81 2.58 27.68
N THR A 108 2.14 2.68 27.76
CA THR A 108 3.02 1.91 26.91
C THR A 108 2.98 0.43 27.28
N VAL A 109 3.20 0.15 28.56
CA VAL A 109 3.16 -1.23 29.05
C VAL A 109 1.79 -1.86 28.82
N LEU A 110 0.73 -1.08 29.00
CA LEU A 110 -0.62 -1.59 28.79
C LEU A 110 -0.77 -2.21 27.41
N ARG A 111 -0.15 -1.58 26.41
CA ARG A 111 -0.19 -2.08 25.04
C ARG A 111 0.59 -3.39 24.89
N LEU A 112 1.77 -3.45 25.51
CA LEU A 112 2.56 -4.69 25.53
C LEU A 112 1.74 -5.76 26.22
N HIS A 113 1.13 -5.39 27.33
CA HIS A 113 0.27 -6.27 28.10
C HIS A 113 -0.85 -6.90 27.26
N ARG A 114 -1.64 -6.09 26.58
CA ARG A 114 -2.69 -6.62 25.73
C ARG A 114 -2.15 -7.56 24.66
N ALA A 115 -1.02 -7.19 24.07
CA ALA A 115 -0.39 -8.00 23.03
C ALA A 115 0.08 -9.34 23.60
N LEU A 116 0.64 -9.31 24.81
CA LEU A 116 1.05 -10.51 25.52
C LEU A 116 -0.16 -11.40 25.78
N HIS A 117 -1.33 -10.80 25.97
CA HIS A 117 -2.55 -11.58 26.17
C HIS A 117 -2.90 -12.32 24.90
N TRP A 118 -2.70 -11.67 23.76
CA TRP A 118 -3.00 -12.28 22.48
C TRP A 118 -2.11 -13.48 22.20
N LEU A 119 -0.81 -13.35 22.43
CA LEU A 119 0.14 -14.44 22.18
C LEU A 119 -0.13 -15.66 23.04
N GLN A 120 -0.37 -15.44 24.32
CA GLN A 120 -0.67 -16.54 25.23
C GLN A 120 -1.93 -17.28 24.78
N LEU A 121 -2.99 -16.55 24.47
CA LEU A 121 -4.21 -17.15 23.94
C LEU A 121 -4.02 -17.86 22.60
N PHE A 122 -3.02 -17.40 21.84
CA PHE A 122 -2.71 -17.94 20.52
C PHE A 122 -2.06 -19.30 20.69
N LEU A 123 -0.98 -19.33 21.45
CA LEU A 123 -0.23 -20.56 21.72
C LEU A 123 -1.11 -21.60 22.40
N GLU A 124 -1.91 -21.15 23.35
CA GLU A 124 -2.85 -22.04 24.04
C GLU A 124 -3.88 -22.56 23.07
N GLY A 125 -4.18 -21.78 22.04
CA GLY A 125 -5.10 -22.21 21.01
C GLY A 125 -4.49 -23.36 20.21
N LEU A 126 -3.20 -23.25 19.89
CA LEU A 126 -2.47 -24.28 19.16
C LEU A 126 -2.39 -25.59 19.91
N ARG A 127 -1.95 -25.49 21.15
CA ARG A 127 -1.79 -26.63 22.05
C ARG A 127 -3.02 -27.53 22.07
N THR A 128 -4.20 -26.93 22.24
CA THR A 128 -5.43 -27.69 22.33
C THR A 128 -6.07 -27.91 20.98
N SER A 129 -5.32 -27.67 19.90
CA SER A 129 -5.95 -27.69 18.59
C SER A 129 -5.95 -29.10 17.99
N PRO A 130 -7.02 -29.40 17.25
CA PRO A 130 -7.11 -30.58 16.41
C PRO A 130 -6.03 -30.56 15.34
N GLU A 131 -5.71 -31.71 14.77
CA GLU A 131 -4.64 -31.81 13.79
C GLU A 131 -4.98 -31.08 12.49
N ASP A 132 -6.27 -30.88 12.22
CA ASP A 132 -6.68 -30.29 10.95
C ASP A 132 -6.82 -28.78 11.04
N ALA A 133 -6.55 -28.21 12.21
CA ALA A 133 -6.72 -26.78 12.45
C ALA A 133 -5.78 -25.93 11.60
N ARG A 134 -6.31 -24.82 11.10
CA ARG A 134 -5.56 -23.83 10.35
C ARG A 134 -5.00 -22.77 11.31
N THR A 135 -3.73 -22.44 11.16
CA THR A 135 -3.08 -21.50 12.06
C THR A 135 -3.68 -20.12 11.91
N SER A 136 -3.95 -19.74 10.66
CA SER A 136 -4.60 -18.48 10.37
C SER A 136 -5.85 -18.31 11.22
N ALA A 137 -6.62 -19.39 11.33
CA ALA A 137 -7.88 -19.37 12.07
C ALA A 137 -7.64 -19.38 13.57
N LEU A 138 -6.63 -20.13 14.02
CA LEU A 138 -6.28 -20.18 15.43
C LEU A 138 -5.83 -18.83 15.97
N CYS A 139 -5.11 -18.10 15.13
CA CYS A 139 -4.59 -16.79 15.50
C CYS A 139 -5.68 -15.75 15.52
N ALA A 140 -6.53 -15.80 14.50
CA ALA A 140 -7.64 -14.87 14.35
C ALA A 140 -8.56 -14.92 15.55
N ASP A 141 -8.92 -16.13 15.98
CA ASP A 141 -9.80 -16.32 17.12
C ASP A 141 -9.23 -15.70 18.39
N SER A 142 -7.91 -15.82 18.56
CA SER A 142 -7.27 -15.31 19.76
C SER A 142 -7.06 -13.81 19.63
N TYR A 143 -6.92 -13.37 18.39
CA TYR A 143 -6.82 -11.95 18.10
C TYR A 143 -8.13 -11.28 18.49
N ASN A 144 -9.23 -11.88 18.05
CA ASN A 144 -10.57 -11.37 18.31
C ASN A 144 -10.90 -11.33 19.80
N ALA A 145 -10.20 -12.14 20.57
CA ALA A 145 -10.49 -12.25 21.99
C ALA A 145 -9.66 -11.30 22.86
N SER A 146 -8.68 -10.63 22.26
CA SER A 146 -7.71 -9.85 23.03
C SER A 146 -7.38 -8.46 22.50
N LEU A 147 -7.33 -8.32 21.18
CA LEU A 147 -6.80 -7.10 20.58
C LEU A 147 -7.81 -6.39 19.70
N ALA A 148 -8.63 -7.17 19.00
CA ALA A 148 -9.63 -6.67 18.06
C ALA A 148 -10.42 -5.50 18.62
N ALA A 149 -10.76 -5.61 19.90
CA ALA A 149 -11.52 -4.57 20.59
C ALA A 149 -10.75 -3.26 20.72
N TYR A 150 -9.43 -3.32 20.66
CA TYR A 150 -8.59 -2.16 20.91
C TYR A 150 -7.90 -1.61 19.67
N HIS A 151 -8.22 -2.16 18.50
CA HIS A 151 -7.50 -1.75 17.30
C HIS A 151 -8.43 -1.05 16.33
N PRO A 152 -7.89 -0.07 15.59
CA PRO A 152 -8.64 0.62 14.54
C PRO A 152 -9.01 -0.34 13.42
N TRP A 153 -9.98 0.06 12.61
CA TRP A 153 -10.40 -0.70 11.44
C TRP A 153 -9.25 -1.09 10.53
N VAL A 154 -8.47 -0.09 10.13
CA VAL A 154 -7.37 -0.31 9.21
C VAL A 154 -6.37 -1.31 9.77
N VAL A 155 -6.08 -1.20 11.07
CA VAL A 155 -5.17 -2.13 11.71
C VAL A 155 -5.71 -3.54 11.67
N ARG A 156 -6.93 -3.72 12.17
CA ARG A 156 -7.59 -5.02 12.18
C ARG A 156 -7.52 -5.78 10.86
N ARG A 157 -7.78 -5.10 9.76
CA ARG A 157 -7.81 -5.72 8.44
C ARG A 157 -6.45 -6.03 7.94
N ALA A 158 -5.52 -5.19 8.29
CA ALA A 158 -4.11 -5.39 7.97
C ALA A 158 -3.64 -6.64 8.69
N VAL A 159 -3.90 -6.68 10.00
CA VAL A 159 -3.59 -7.84 10.80
C VAL A 159 -4.21 -9.11 10.21
N THR A 160 -5.45 -9.02 9.78
CA THR A 160 -6.17 -10.17 9.23
C THR A 160 -5.43 -10.75 8.02
N VAL A 161 -4.82 -9.87 7.23
CA VAL A 161 -4.05 -10.31 6.07
C VAL A 161 -2.81 -11.10 6.45
N ALA A 162 -2.09 -10.61 7.46
CA ALA A 162 -0.86 -11.25 7.93
C ALA A 162 -1.15 -12.67 8.40
N PHE A 163 -2.31 -12.85 9.01
CA PHE A 163 -2.74 -14.16 9.52
C PHE A 163 -2.75 -15.25 8.44
N CYS A 164 -3.01 -14.85 7.19
CA CYS A 164 -3.10 -15.80 6.09
C CYS A 164 -1.72 -16.26 5.61
N THR A 165 -0.69 -15.55 6.03
CA THR A 165 0.69 -15.94 5.70
C THR A 165 1.29 -16.84 6.78
N LEU A 166 0.44 -17.37 7.64
CA LEU A 166 0.92 -18.21 8.74
C LEU A 166 1.14 -19.65 8.27
N PRO A 167 2.24 -20.27 8.76
CA PRO A 167 2.54 -21.69 8.52
C PRO A 167 1.42 -22.61 9.02
N THR A 168 1.46 -23.88 8.64
CA THR A 168 0.44 -24.82 9.10
C THR A 168 0.73 -25.24 10.53
N ARG A 169 -0.27 -25.83 11.18
CA ARG A 169 -0.17 -26.22 12.58
C ARG A 169 1.09 -27.03 12.85
N GLU A 170 1.33 -28.06 12.04
CA GLU A 170 2.47 -28.93 12.25
C GLU A 170 3.75 -28.12 12.06
N VAL A 171 3.84 -27.37 10.96
CA VAL A 171 5.03 -26.59 10.65
C VAL A 171 5.29 -25.54 11.72
N PHE A 172 4.23 -24.96 12.24
CA PHE A 172 4.38 -23.91 13.24
C PHE A 172 4.90 -24.50 14.54
N LEU A 173 4.29 -25.60 14.99
CA LEU A 173 4.70 -26.26 16.22
C LEU A 173 6.10 -26.84 16.10
N GLU A 174 6.37 -27.46 14.96
CA GLU A 174 7.68 -28.02 14.65
C GLU A 174 8.75 -26.93 14.71
N ALA A 175 8.41 -25.74 14.22
CA ALA A 175 9.31 -24.59 14.19
C ALA A 175 9.75 -24.08 15.56
N MET A 176 9.23 -24.69 16.62
CA MET A 176 9.55 -24.28 17.98
C MET A 176 10.86 -24.91 18.46
N ASN A 177 11.45 -25.75 17.63
CA ASN A 177 12.71 -26.44 17.93
C ASN A 177 12.72 -27.16 19.28
N VAL A 178 11.70 -28.00 19.47
CA VAL A 178 11.59 -28.85 20.65
C VAL A 178 11.22 -30.25 20.16
N GLY A 179 11.16 -30.37 18.84
CA GLY A 179 10.87 -31.63 18.19
C GLY A 179 9.53 -31.61 17.48
N PRO A 180 8.97 -32.80 17.22
CA PRO A 180 7.70 -33.05 16.53
C PRO A 180 6.52 -32.28 17.15
N PRO A 181 5.39 -32.17 16.44
CA PRO A 181 4.23 -31.41 16.91
C PRO A 181 3.77 -31.82 18.31
N GLU A 182 3.45 -33.09 18.50
CA GLU A 182 2.90 -33.56 19.77
C GLU A 182 3.89 -33.39 20.90
N GLN A 183 5.15 -33.20 20.53
CA GLN A 183 6.22 -33.00 21.48
C GLN A 183 6.30 -31.55 21.95
N ALA A 184 5.94 -30.63 21.07
CA ALA A 184 5.91 -29.21 21.39
C ALA A 184 4.64 -28.89 22.18
N VAL A 185 3.54 -29.51 21.77
CA VAL A 185 2.26 -29.43 22.47
C VAL A 185 2.45 -29.80 23.94
N GLN A 186 3.44 -30.65 24.21
CA GLN A 186 3.77 -30.98 25.58
C GLN A 186 4.46 -29.80 26.25
N MET A 187 5.52 -29.33 25.61
CA MET A 187 6.30 -28.17 26.08
C MET A 187 5.40 -26.96 26.31
N LEU A 188 4.40 -26.78 25.46
CA LEU A 188 3.47 -25.66 25.61
C LEU A 188 2.78 -25.74 26.97
N GLY A 189 2.03 -26.82 27.21
CA GLY A 189 1.40 -27.04 28.50
C GLY A 189 2.35 -26.90 29.68
N GLU A 190 3.63 -27.16 29.45
CA GLU A 190 4.60 -27.14 30.54
C GLU A 190 5.36 -25.83 30.65
N ALA A 191 5.18 -24.94 29.67
CA ALA A 191 5.90 -23.66 29.68
C ALA A 191 4.96 -22.47 29.56
N LEU A 192 3.72 -22.74 29.17
CA LEU A 192 2.70 -21.69 29.03
C LEU A 192 2.36 -21.00 30.35
N PRO A 193 2.14 -21.76 31.44
CA PRO A 193 1.80 -21.09 32.71
C PRO A 193 2.76 -19.97 33.16
N PHE A 194 4.03 -20.03 32.76
CA PHE A 194 4.98 -18.98 33.10
C PHE A 194 4.56 -17.60 32.60
N ILE A 195 4.00 -17.53 31.40
CA ILE A 195 3.58 -16.25 30.82
C ILE A 195 2.14 -15.95 31.26
N GLN A 196 1.40 -17.01 31.56
CA GLN A 196 0.01 -16.87 31.97
C GLN A 196 -0.09 -16.17 33.33
N ARG A 197 0.93 -16.35 34.16
CA ARG A 197 0.92 -15.71 35.48
C ARG A 197 1.37 -14.26 35.46
N VAL A 198 2.47 -13.97 34.75
CA VAL A 198 2.95 -12.61 34.59
C VAL A 198 1.86 -11.74 34.00
N TYR A 199 1.02 -12.35 33.16
CA TYR A 199 -0.12 -11.64 32.60
C TYR A 199 -1.10 -11.30 33.70
N ASN A 200 -1.70 -12.32 34.30
CA ASN A 200 -2.76 -12.17 35.32
C ASN A 200 -2.40 -11.22 36.47
N VAL A 201 -1.15 -11.30 36.93
CA VAL A 201 -0.66 -10.37 37.94
C VAL A 201 -0.80 -8.95 37.42
N SER A 202 -0.31 -8.73 36.21
CA SER A 202 -0.35 -7.41 35.60
C SER A 202 -1.77 -6.94 35.36
N GLN A 203 -2.65 -7.87 34.98
CA GLN A 203 -4.05 -7.52 34.73
C GLN A 203 -4.72 -7.07 36.01
N LYS A 204 -4.38 -7.73 37.11
CA LYS A 204 -4.82 -7.31 38.44
C LYS A 204 -4.39 -5.89 38.73
N LEU A 205 -3.07 -5.65 38.68
CA LEU A 205 -2.48 -4.34 38.93
C LEU A 205 -3.15 -3.22 38.15
N TYR A 206 -3.39 -3.44 36.86
CA TYR A 206 -3.98 -2.41 36.04
C TYR A 206 -5.46 -2.24 36.33
N ALA A 207 -6.17 -3.34 36.56
CA ALA A 207 -7.60 -3.28 36.88
C ALA A 207 -7.86 -2.54 38.19
N GLU A 208 -6.95 -2.72 39.14
CA GLU A 208 -6.99 -2.07 40.45
C GLU A 208 -7.05 -0.56 40.34
N HIS A 209 -6.11 0.00 39.59
CA HIS A 209 -5.98 1.46 39.49
C HIS A 209 -6.79 2.02 38.31
N SER A 210 -7.71 1.20 37.80
CA SER A 210 -8.60 1.58 36.71
C SER A 210 -7.82 2.08 35.50
N LEU A 211 -6.72 1.41 35.21
CA LEU A 211 -5.84 1.78 34.12
C LEU A 211 -6.08 0.90 32.89
N LEU A 212 -7.23 0.23 32.87
CA LEU A 212 -7.49 -0.78 31.84
C LEU A 212 -7.85 -0.20 30.47
N ASP A 213 -8.02 1.12 30.38
CA ASP A 213 -8.44 1.75 29.14
C ASP A 213 -7.66 3.04 28.83
N LEU A 214 -6.42 3.11 29.30
CA LEU A 214 -5.53 4.23 29.01
C LEU A 214 -5.48 4.48 27.50
N PRO A 215 -5.47 5.77 27.10
CA PRO A 215 -5.48 6.19 25.70
C PRO A 215 -4.08 6.31 25.12
N GLY B 8 -9.37 -33.25 2.35
CA GLY B 8 -8.22 -33.34 1.48
C GLY B 8 -8.52 -32.95 0.05
N PHE B 9 -7.67 -33.35 -0.88
CA PHE B 9 -7.94 -33.18 -2.29
C PHE B 9 -7.48 -34.37 -3.09
N ASN B 10 -8.26 -34.78 -4.07
CA ASN B 10 -8.01 -35.94 -4.92
C ASN B 10 -7.15 -35.64 -6.16
N LEU B 11 -5.84 -35.61 -6.02
CA LEU B 11 -4.97 -35.25 -7.13
C LEU B 11 -5.01 -36.20 -8.32
N LYS B 12 -5.07 -37.49 -8.06
CA LYS B 12 -4.88 -38.49 -9.11
C LYS B 12 -5.80 -38.35 -10.29
N VAL B 13 -7.04 -38.01 -10.06
CA VAL B 13 -7.99 -37.75 -11.15
C VAL B 13 -7.54 -36.67 -12.13
N VAL B 14 -7.10 -35.53 -11.62
CA VAL B 14 -6.70 -34.44 -12.49
C VAL B 14 -5.39 -34.80 -13.21
N LEU B 15 -4.43 -35.37 -12.48
CA LEU B 15 -3.13 -35.71 -13.07
C LEU B 15 -3.22 -36.69 -14.24
N VAL B 16 -4.36 -37.36 -14.38
CA VAL B 16 -4.57 -38.32 -15.47
C VAL B 16 -5.56 -37.77 -16.48
N SER B 17 -6.18 -36.65 -16.15
CA SER B 17 -7.09 -35.98 -17.09
C SER B 17 -6.34 -35.32 -18.24
N PHE B 18 -5.03 -35.46 -18.24
CA PHE B 18 -4.18 -34.96 -19.31
C PHE B 18 -4.07 -35.96 -20.47
N LYS B 19 -4.74 -37.10 -20.35
CA LYS B 19 -4.75 -38.10 -21.41
C LYS B 19 -5.58 -37.65 -22.58
N GLN B 20 -6.73 -37.09 -22.27
CA GLN B 20 -7.66 -36.71 -23.31
C GLN B 20 -7.15 -35.45 -23.98
N CYS B 21 -6.02 -34.94 -23.48
CA CYS B 21 -5.42 -33.74 -24.04
C CYS B 21 -4.64 -34.10 -25.31
N LEU B 22 -3.96 -35.24 -25.29
CA LEU B 22 -3.22 -35.72 -26.47
C LEU B 22 -4.04 -36.70 -27.31
N ASP B 23 -4.23 -36.35 -28.58
CA ASP B 23 -4.93 -37.20 -29.52
C ASP B 23 -4.01 -38.23 -30.16
N GLU B 24 -4.56 -38.99 -31.10
CA GLU B 24 -3.79 -39.94 -31.87
C GLU B 24 -2.64 -39.25 -32.60
N LYS B 25 -2.92 -38.09 -33.18
CA LYS B 25 -1.94 -37.37 -34.00
C LYS B 25 -0.88 -36.65 -33.15
N GLU B 26 -0.96 -36.83 -31.84
CA GLU B 26 -0.04 -36.23 -30.86
C GLU B 26 -0.18 -34.70 -30.78
N GLU B 27 -1.38 -34.19 -31.01
CA GLU B 27 -1.60 -32.75 -30.85
C GLU B 27 -2.41 -32.50 -29.58
N VAL B 28 -2.03 -31.44 -28.86
CA VAL B 28 -2.71 -31.08 -27.61
C VAL B 28 -4.04 -30.39 -27.88
N LEU B 29 -5.12 -31.05 -27.49
CA LEU B 29 -6.44 -30.47 -27.69
C LEU B 29 -6.76 -29.51 -26.56
N LEU B 30 -7.24 -28.32 -26.92
CA LEU B 30 -7.40 -27.23 -25.98
C LEU B 30 -8.53 -27.47 -24.98
N ASP B 31 -9.53 -28.25 -25.37
CA ASP B 31 -10.69 -28.47 -24.50
C ASP B 31 -10.40 -29.37 -23.28
N PRO B 32 -9.63 -30.46 -23.48
CA PRO B 32 -9.21 -31.23 -22.30
C PRO B 32 -8.18 -30.49 -21.45
N TYR B 33 -7.32 -29.70 -22.09
CA TYR B 33 -6.32 -28.88 -21.42
C TYR B 33 -6.97 -27.97 -20.37
N ILE B 34 -7.91 -27.16 -20.82
CA ILE B 34 -8.63 -26.26 -19.93
C ILE B 34 -9.35 -27.03 -18.83
N ALA B 35 -9.93 -28.17 -19.19
CA ALA B 35 -10.62 -29.00 -18.23
C ALA B 35 -9.64 -29.48 -17.17
N SER B 36 -8.55 -30.07 -17.64
CA SER B 36 -7.48 -30.55 -16.78
C SER B 36 -6.83 -29.41 -15.96
N TRP B 37 -6.72 -28.20 -16.51
CA TRP B 37 -6.13 -27.09 -15.77
C TRP B 37 -7.05 -26.62 -14.63
N LYS B 38 -8.35 -26.56 -14.90
CA LYS B 38 -9.33 -26.21 -13.88
C LYS B 38 -9.22 -27.19 -12.73
N GLY B 39 -8.91 -28.45 -13.05
CA GLY B 39 -8.70 -29.43 -12.01
C GLY B 39 -7.48 -29.10 -11.18
N LEU B 40 -6.44 -28.56 -11.82
CA LEU B 40 -5.24 -28.14 -11.10
C LEU B 40 -5.49 -26.86 -10.30
N VAL B 41 -6.27 -25.94 -10.84
CA VAL B 41 -6.66 -24.73 -10.13
C VAL B 41 -7.38 -25.08 -8.83
N ARG B 42 -8.32 -26.01 -8.96
CA ARG B 42 -9.04 -26.57 -7.84
C ARG B 42 -8.08 -27.11 -6.78
N PHE B 43 -6.99 -27.71 -7.24
CA PHE B 43 -5.98 -28.28 -6.35
C PHE B 43 -5.18 -27.21 -5.61
N LEU B 44 -4.96 -26.09 -6.27
CA LEU B 44 -4.21 -24.98 -5.68
C LEU B 44 -5.05 -24.30 -4.59
N ASN B 45 -6.33 -24.11 -4.89
CA ASN B 45 -7.28 -23.56 -3.91
C ASN B 45 -7.33 -24.34 -2.59
N SER B 46 -6.97 -25.62 -2.64
CA SER B 46 -6.98 -26.45 -1.45
C SER B 46 -5.66 -26.37 -0.70
N LEU B 47 -4.95 -25.27 -0.84
CA LEU B 47 -3.64 -25.15 -0.19
C LEU B 47 -3.58 -23.89 0.68
N GLY B 48 -4.66 -23.13 0.70
CA GLY B 48 -4.76 -21.92 1.49
C GLY B 48 -5.50 -20.84 0.74
N THR B 49 -5.95 -19.81 1.46
CA THR B 49 -6.64 -18.69 0.82
C THR B 49 -5.62 -17.79 0.14
N ILE B 50 -4.36 -17.93 0.53
CA ILE B 50 -3.27 -17.22 -0.09
C ILE B 50 -2.91 -17.83 -1.46
N PHE B 51 -2.79 -19.15 -1.53
CA PHE B 51 -2.55 -19.83 -2.81
C PHE B 51 -3.67 -19.57 -3.80
N SER B 52 -4.91 -19.61 -3.32
CA SER B 52 -6.05 -19.28 -4.15
C SER B 52 -5.88 -17.90 -4.79
N PHE B 53 -5.29 -16.96 -4.05
CA PHE B 53 -5.03 -15.62 -4.57
C PHE B 53 -3.99 -15.61 -5.69
N ILE B 54 -2.97 -16.44 -5.55
CA ILE B 54 -1.95 -16.58 -6.59
C ILE B 54 -2.61 -17.10 -7.88
N SER B 55 -3.27 -18.24 -7.78
CA SER B 55 -3.91 -18.91 -8.89
C SER B 55 -5.07 -18.12 -9.52
N LYS B 56 -5.40 -16.97 -8.96
CA LYS B 56 -6.50 -16.15 -9.47
C LYS B 56 -6.21 -15.70 -10.91
N ASP B 57 -4.93 -15.69 -11.26
CA ASP B 57 -4.47 -15.26 -12.57
C ASP B 57 -4.59 -16.43 -13.58
N VAL B 58 -4.21 -17.63 -13.14
CA VAL B 58 -4.37 -18.85 -13.95
C VAL B 58 -5.82 -19.04 -14.41
N VAL B 59 -6.77 -18.70 -13.55
CA VAL B 59 -8.18 -18.80 -13.91
C VAL B 59 -8.52 -17.79 -15.02
N SER B 60 -8.07 -16.55 -14.81
CA SER B 60 -8.32 -15.46 -15.74
C SER B 60 -7.85 -15.77 -17.15
N LYS B 61 -6.80 -16.58 -17.26
CA LYS B 61 -6.26 -16.96 -18.55
C LYS B 61 -7.09 -18.07 -19.15
N LEU B 62 -7.54 -18.99 -18.32
CA LEU B 62 -8.44 -20.05 -18.77
C LEU B 62 -9.72 -19.47 -19.36
N ARG B 63 -10.14 -18.30 -18.89
CA ARG B 63 -11.31 -17.64 -19.46
C ARG B 63 -11.02 -17.16 -20.87
N ILE B 64 -9.86 -16.53 -21.04
CA ILE B 64 -9.43 -16.07 -22.35
C ILE B 64 -9.44 -17.21 -23.37
N MET B 65 -9.04 -18.40 -22.94
CA MET B 65 -9.00 -19.55 -23.83
C MET B 65 -10.38 -20.11 -24.13
N GLU B 66 -11.25 -20.13 -23.12
CA GLU B 66 -12.62 -20.59 -23.33
C GLU B 66 -13.40 -19.65 -24.24
N ARG B 67 -13.28 -18.35 -24.00
CA ARG B 67 -13.96 -17.34 -24.80
C ARG B 67 -13.49 -17.36 -26.27
N LEU B 68 -12.32 -17.94 -26.51
CA LEU B 68 -11.82 -18.02 -27.87
C LEU B 68 -12.35 -19.27 -28.57
N ARG B 69 -12.27 -20.41 -27.89
CA ARG B 69 -12.78 -21.65 -28.45
C ARG B 69 -14.32 -21.68 -28.46
N GLY B 70 -14.96 -20.77 -27.73
CA GLY B 70 -16.41 -20.67 -27.75
C GLY B 70 -16.79 -19.47 -28.59
N GLY B 71 -15.95 -19.17 -29.57
CA GLY B 71 -16.13 -18.02 -30.43
C GLY B 71 -16.09 -18.36 -31.91
N PRO B 72 -16.15 -17.32 -32.75
CA PRO B 72 -16.12 -17.37 -34.22
C PRO B 72 -15.06 -18.30 -34.81
N GLN B 73 -13.96 -18.50 -34.07
CA GLN B 73 -12.85 -19.27 -34.59
C GLN B 73 -12.73 -20.58 -33.84
N SER B 74 -13.83 -21.02 -33.25
CA SER B 74 -13.89 -22.22 -32.42
C SER B 74 -13.19 -23.44 -33.00
N GLU B 75 -13.18 -23.57 -34.33
CA GLU B 75 -12.57 -24.73 -34.96
C GLU B 75 -11.05 -24.64 -34.98
N HIS B 76 -10.54 -23.42 -35.03
CA HIS B 76 -9.10 -23.19 -35.14
C HIS B 76 -8.36 -23.28 -33.81
N TYR B 77 -9.09 -23.22 -32.70
CA TYR B 77 -8.47 -23.34 -31.39
C TYR B 77 -8.75 -24.71 -30.78
N ARG B 78 -9.20 -25.63 -31.62
CA ARG B 78 -9.48 -27.00 -31.18
C ARG B 78 -8.23 -27.63 -30.57
N SER B 79 -7.08 -27.30 -31.14
CA SER B 79 -5.80 -27.77 -30.61
C SER B 79 -4.79 -26.64 -30.58
N LEU B 80 -3.66 -26.90 -29.94
CA LEU B 80 -2.60 -25.89 -29.80
C LEU B 80 -1.97 -25.56 -31.15
N GLN B 81 -1.58 -26.60 -31.88
CA GLN B 81 -0.98 -26.46 -33.21
C GLN B 81 -1.91 -25.67 -34.12
N ALA B 82 -3.18 -26.03 -34.09
CA ALA B 82 -4.22 -25.30 -34.81
C ALA B 82 -4.22 -23.82 -34.42
N MET B 83 -4.04 -23.55 -33.14
CA MET B 83 -3.99 -22.18 -32.64
C MET B 83 -2.78 -21.43 -33.17
N VAL B 84 -1.61 -22.02 -32.96
CA VAL B 84 -0.34 -21.44 -33.38
C VAL B 84 -0.33 -21.14 -34.87
N ALA B 85 -0.86 -22.09 -35.65
CA ALA B 85 -0.93 -21.95 -37.09
C ALA B 85 -1.85 -20.79 -37.51
N HIS B 86 -3.07 -20.82 -36.99
CA HIS B 86 -4.05 -19.79 -37.31
C HIS B 86 -3.57 -18.38 -36.91
N GLU B 87 -3.12 -18.22 -35.66
CA GLU B 87 -2.78 -16.90 -35.12
C GLU B 87 -1.52 -16.29 -35.73
N LEU B 88 -0.46 -17.09 -35.84
CA LEU B 88 0.81 -16.63 -36.41
C LEU B 88 0.67 -16.13 -37.83
N SER B 89 -0.11 -16.85 -38.61
CA SER B 89 -0.28 -16.57 -40.02
C SER B 89 -1.18 -15.37 -40.20
N ASN B 90 -2.13 -15.23 -39.29
CA ASN B 90 -3.04 -14.10 -39.31
C ASN B 90 -2.46 -12.91 -38.55
N ARG B 91 -1.20 -13.02 -38.15
CA ARG B 91 -0.51 -11.95 -37.44
C ARG B 91 -1.28 -11.55 -36.19
N LEU B 92 -1.84 -12.54 -35.50
CA LEU B 92 -2.64 -12.32 -34.31
C LEU B 92 -1.80 -12.41 -33.03
N VAL B 93 -0.50 -12.62 -33.20
CA VAL B 93 0.40 -12.75 -32.07
C VAL B 93 1.43 -11.63 -32.09
N ASP B 94 1.68 -11.05 -30.93
CA ASP B 94 2.75 -10.08 -30.77
C ASP B 94 4.04 -10.87 -30.57
N LEU B 95 4.94 -10.84 -31.54
CA LEU B 95 6.16 -11.65 -31.50
C LEU B 95 7.32 -10.91 -30.90
N GLU B 96 7.34 -9.60 -31.12
CA GLU B 96 8.42 -8.75 -30.68
C GLU B 96 8.22 -8.26 -29.25
N ARG B 97 7.31 -7.30 -29.07
CA ARG B 97 7.05 -6.68 -27.78
C ARG B 97 5.56 -6.52 -27.53
N ARG B 98 5.21 -6.15 -26.28
CA ARG B 98 3.83 -5.93 -25.92
C ARG B 98 3.20 -4.92 -26.87
N SER B 99 2.03 -5.27 -27.40
CA SER B 99 1.41 -4.50 -28.47
C SER B 99 -0.05 -4.91 -28.62
N HIS B 100 -0.56 -4.76 -29.84
CA HIS B 100 -1.98 -4.94 -30.14
C HIS B 100 -2.64 -6.21 -29.61
N HIS B 101 -1.87 -7.28 -29.46
CA HIS B 101 -2.44 -8.58 -29.07
C HIS B 101 -1.90 -9.02 -27.73
N PRO B 102 -2.34 -8.38 -26.64
CA PRO B 102 -1.76 -8.68 -25.33
C PRO B 102 -2.42 -9.91 -24.71
N GLU B 103 -3.47 -10.40 -25.38
CA GLU B 103 -4.23 -11.52 -24.87
C GLU B 103 -4.45 -12.55 -25.97
N SER B 104 -3.52 -12.57 -26.92
CA SER B 104 -3.52 -13.58 -27.97
C SER B 104 -3.44 -14.98 -27.37
N GLY B 105 -3.92 -15.97 -28.13
CA GLY B 105 -3.90 -17.34 -27.67
C GLY B 105 -2.51 -17.90 -27.39
N CYS B 106 -1.55 -17.57 -28.25
CA CYS B 106 -0.21 -18.12 -28.13
C CYS B 106 0.50 -17.65 -26.87
N ARG B 107 0.44 -16.35 -26.59
CA ARG B 107 1.09 -15.81 -25.41
C ARG B 107 0.37 -16.26 -24.14
N THR B 108 -0.93 -16.46 -24.23
CA THR B 108 -1.74 -16.85 -23.07
C THR B 108 -1.43 -18.28 -22.66
N VAL B 109 -1.50 -19.20 -23.63
CA VAL B 109 -1.18 -20.61 -23.36
C VAL B 109 0.25 -20.74 -22.86
N LEU B 110 1.16 -19.94 -23.42
CA LEU B 110 2.56 -19.95 -23.01
C LEU B 110 2.70 -19.78 -21.51
N ARG B 111 1.89 -18.90 -20.94
CA ARG B 111 1.88 -18.65 -19.50
C ARG B 111 1.35 -19.84 -18.70
N LEU B 112 0.27 -20.45 -19.20
CA LEU B 112 -0.25 -21.67 -18.59
C LEU B 112 0.81 -22.77 -18.65
N HIS B 113 1.43 -22.88 -19.83
CA HIS B 113 2.51 -23.84 -20.10
C HIS B 113 3.61 -23.72 -19.06
N ARG B 114 4.17 -22.53 -18.89
CA ARG B 114 5.23 -22.32 -17.92
C ARG B 114 4.82 -22.72 -16.50
N ALA B 115 3.57 -22.41 -16.15
CA ALA B 115 3.04 -22.75 -14.85
C ALA B 115 2.92 -24.27 -14.69
N LEU B 116 2.47 -24.92 -15.76
CA LEU B 116 2.32 -26.37 -15.74
C LEU B 116 3.68 -27.03 -15.52
N HIS B 117 4.73 -26.40 -16.07
CA HIS B 117 6.08 -26.92 -15.91
C HIS B 117 6.49 -26.82 -14.46
N TRP B 118 6.08 -25.72 -13.82
CA TRP B 118 6.39 -25.48 -12.41
C TRP B 118 5.72 -26.53 -11.54
N LEU B 119 4.44 -26.78 -11.83
CA LEU B 119 3.67 -27.78 -11.08
C LEU B 119 4.23 -29.18 -11.26
N GLN B 120 4.58 -29.52 -12.49
CA GLN B 120 5.20 -30.79 -12.80
C GLN B 120 6.54 -30.97 -12.08
N LEU B 121 7.39 -29.97 -12.18
CA LEU B 121 8.71 -29.96 -11.55
C LEU B 121 8.57 -30.01 -10.01
N PHE B 122 7.44 -29.54 -9.50
CA PHE B 122 7.17 -29.52 -8.07
C PHE B 122 6.87 -30.93 -7.61
N LEU B 123 5.85 -31.52 -8.23
CA LEU B 123 5.40 -32.87 -7.90
C LEU B 123 6.50 -33.90 -8.08
N GLU B 124 7.25 -33.78 -9.16
CA GLU B 124 8.37 -34.68 -9.41
C GLU B 124 9.43 -34.49 -8.35
N GLY B 125 9.51 -33.28 -7.82
CA GLY B 125 10.42 -32.96 -6.74
C GLY B 125 10.03 -33.66 -5.46
N LEU B 126 8.73 -33.68 -5.19
CA LEU B 126 8.18 -34.37 -4.03
C LEU B 126 8.41 -35.87 -4.09
N ARG B 127 8.02 -36.44 -5.21
CA ARG B 127 8.17 -37.87 -5.44
C ARG B 127 9.57 -38.37 -5.07
N THR B 128 10.59 -37.66 -5.56
CA THR B 128 11.97 -38.08 -5.30
C THR B 128 12.55 -37.44 -4.04
N SER B 129 11.70 -36.93 -3.17
CA SER B 129 12.19 -36.19 -2.01
C SER B 129 12.44 -37.08 -0.80
N PRO B 130 13.49 -36.76 -0.02
CA PRO B 130 13.73 -37.34 1.30
C PRO B 130 12.59 -37.02 2.27
N GLU B 131 12.43 -37.80 3.33
CA GLU B 131 11.32 -37.66 4.28
C GLU B 131 11.36 -36.38 5.10
N ASP B 132 12.57 -35.83 5.22
CA ASP B 132 12.83 -34.67 6.06
C ASP B 132 12.73 -33.34 5.32
N ALA B 133 12.49 -33.42 4.01
CA ALA B 133 12.39 -32.25 3.15
C ALA B 133 11.19 -31.38 3.50
N ARG B 134 11.36 -30.05 3.46
CA ARG B 134 10.22 -29.15 3.65
C ARG B 134 9.63 -28.84 2.28
N THR B 135 8.30 -28.83 2.22
CA THR B 135 7.59 -28.65 0.97
C THR B 135 7.81 -27.26 0.37
N SER B 136 7.84 -26.25 1.24
CA SER B 136 8.12 -24.87 0.84
C SER B 136 9.36 -24.76 -0.04
N ALA B 137 10.41 -25.50 0.34
CA ALA B 137 11.67 -25.47 -0.37
C ALA B 137 11.60 -26.26 -1.68
N LEU B 138 10.90 -27.37 -1.67
CA LEU B 138 10.71 -28.17 -2.88
C LEU B 138 9.96 -27.38 -3.92
N CYS B 139 9.02 -26.55 -3.47
CA CYS B 139 8.23 -25.72 -4.36
C CYS B 139 9.08 -24.57 -4.89
N ALA B 140 9.86 -23.95 -4.01
CA ALA B 140 10.75 -22.85 -4.38
C ALA B 140 11.80 -23.28 -5.41
N ASP B 141 12.47 -24.41 -5.16
CA ASP B 141 13.48 -24.91 -6.09
C ASP B 141 12.93 -25.16 -7.48
N SER B 142 11.68 -25.62 -7.55
CA SER B 142 11.07 -25.89 -8.84
C SER B 142 10.54 -24.59 -9.47
N TYR B 143 10.18 -23.63 -8.63
CA TYR B 143 9.74 -22.31 -9.07
C TYR B 143 10.88 -21.60 -9.79
N ASN B 144 12.05 -21.62 -9.18
CA ASN B 144 13.23 -20.96 -9.73
C ASN B 144 13.67 -21.57 -11.06
N ALA B 145 13.30 -22.83 -11.27
CA ALA B 145 13.73 -23.54 -12.48
C ALA B 145 12.72 -23.39 -13.60
N SER B 146 11.59 -22.76 -13.32
CA SER B 146 10.51 -22.72 -14.28
C SER B 146 9.89 -21.34 -14.48
N LEU B 147 9.74 -20.59 -13.40
CA LEU B 147 8.99 -19.33 -13.46
C LEU B 147 9.79 -18.09 -13.05
N ALA B 148 10.67 -18.24 -12.07
CA ALA B 148 11.43 -17.11 -11.51
C ALA B 148 12.01 -16.16 -12.55
N ALA B 149 12.58 -16.72 -13.61
CA ALA B 149 13.20 -15.91 -14.66
C ALA B 149 12.18 -15.06 -15.42
N TYR B 150 10.92 -15.46 -15.36
CA TYR B 150 9.87 -14.85 -16.16
C TYR B 150 8.94 -14.00 -15.33
N HIS B 151 9.28 -13.81 -14.05
CA HIS B 151 8.39 -13.09 -13.16
C HIS B 151 9.00 -11.79 -12.64
N PRO B 152 8.13 -10.80 -12.42
CA PRO B 152 8.53 -9.51 -11.85
C PRO B 152 8.99 -9.67 -10.41
N TRP B 153 9.76 -8.71 -9.92
CA TRP B 153 10.23 -8.70 -8.54
C TRP B 153 9.07 -8.85 -7.58
N VAL B 154 8.06 -8.02 -7.77
CA VAL B 154 6.90 -8.01 -6.89
C VAL B 154 6.20 -9.37 -6.81
N VAL B 155 6.02 -10.03 -7.95
CA VAL B 155 5.39 -11.34 -7.94
C VAL B 155 6.27 -12.39 -7.25
N ARG B 156 7.52 -12.51 -7.69
CA ARG B 156 8.48 -13.47 -7.13
C ARG B 156 8.45 -13.44 -5.62
N ARG B 157 8.53 -12.25 -5.07
CA ARG B 157 8.58 -12.10 -3.64
C ARG B 157 7.22 -12.44 -3.01
N ALA B 158 6.14 -12.10 -3.70
CA ALA B 158 4.78 -12.45 -3.25
C ALA B 158 4.57 -13.97 -3.26
N VAL B 159 4.91 -14.60 -4.38
CA VAL B 159 4.83 -16.05 -4.52
C VAL B 159 5.59 -16.77 -3.40
N THR B 160 6.78 -16.28 -3.10
CA THR B 160 7.65 -16.86 -2.07
C THR B 160 6.96 -16.92 -0.71
N VAL B 161 6.13 -15.92 -0.44
CA VAL B 161 5.39 -15.82 0.81
C VAL B 161 4.39 -16.95 0.93
N ALA B 162 3.70 -17.25 -0.17
CA ALA B 162 2.73 -18.34 -0.21
C ALA B 162 3.38 -19.71 0.05
N PHE B 163 4.58 -19.89 -0.47
CA PHE B 163 5.29 -21.16 -0.33
C PHE B 163 5.45 -21.57 1.11
N CYS B 164 5.57 -20.59 2.00
CA CYS B 164 5.81 -20.84 3.41
C CYS B 164 4.52 -21.25 4.11
N THR B 165 3.39 -21.05 3.44
CA THR B 165 2.11 -21.48 3.98
C THR B 165 1.81 -22.92 3.55
N LEU B 166 2.81 -23.60 3.02
CA LEU B 166 2.65 -24.98 2.56
C LEU B 166 2.84 -25.96 3.70
N PRO B 167 2.01 -27.01 3.74
CA PRO B 167 2.11 -28.09 4.72
C PRO B 167 3.48 -28.75 4.69
N THR B 168 3.79 -29.59 5.68
CA THR B 168 5.05 -30.30 5.65
C THR B 168 4.89 -31.44 4.65
N ARG B 169 5.99 -32.05 4.26
CA ARG B 169 5.98 -33.10 3.25
C ARG B 169 4.96 -34.21 3.48
N GLU B 170 4.94 -34.76 4.70
CA GLU B 170 4.08 -35.89 5.00
C GLU B 170 2.57 -35.60 4.86
N VAL B 171 2.12 -34.53 5.52
CA VAL B 171 0.71 -34.15 5.47
C VAL B 171 0.29 -33.74 4.06
N PHE B 172 1.22 -33.16 3.31
CA PHE B 172 0.95 -32.71 1.95
C PHE B 172 0.68 -33.90 1.03
N LEU B 173 1.51 -34.94 1.14
CA LEU B 173 1.35 -36.16 0.35
C LEU B 173 0.05 -36.88 0.69
N GLU B 174 -0.23 -36.97 1.99
CA GLU B 174 -1.45 -37.57 2.50
C GLU B 174 -2.70 -36.85 1.97
N ALA B 175 -2.60 -35.53 1.88
CA ALA B 175 -3.70 -34.70 1.40
C ALA B 175 -4.16 -35.01 -0.02
N MET B 176 -3.47 -35.94 -0.67
CA MET B 176 -3.82 -36.33 -2.04
C MET B 176 -4.94 -37.36 -2.08
N ASN B 177 -5.44 -37.76 -0.91
CA ASN B 177 -6.52 -38.74 -0.80
C ASN B 177 -6.28 -40.02 -1.61
N VAL B 178 -5.11 -40.61 -1.43
CA VAL B 178 -4.78 -41.88 -2.05
C VAL B 178 -4.14 -42.73 -0.98
N GLY B 179 -4.09 -42.19 0.24
CA GLY B 179 -3.57 -42.89 1.40
C GLY B 179 -2.28 -42.25 1.91
N PRO B 180 -1.48 -43.02 2.65
CA PRO B 180 -0.22 -42.62 3.30
C PRO B 180 0.77 -41.93 2.35
N PRO B 181 1.80 -41.28 2.93
CA PRO B 181 2.81 -40.56 2.13
C PRO B 181 3.46 -41.43 1.07
N GLU B 182 4.11 -42.51 1.48
CA GLU B 182 4.83 -43.37 0.54
C GLU B 182 3.91 -44.05 -0.47
N GLN B 183 2.61 -44.02 -0.19
CA GLN B 183 1.60 -44.52 -1.12
C GLN B 183 1.30 -43.47 -2.21
N ALA B 184 1.40 -42.20 -1.84
CA ALA B 184 1.17 -41.10 -2.77
C ALA B 184 2.38 -40.95 -3.68
N VAL B 185 3.56 -41.10 -3.09
CA VAL B 185 4.83 -41.12 -3.83
C VAL B 185 4.78 -42.16 -4.95
N GLN B 186 3.99 -43.21 -4.75
CA GLN B 186 3.75 -44.20 -5.80
C GLN B 186 2.83 -43.64 -6.88
N MET B 187 1.68 -43.12 -6.46
CA MET B 187 0.69 -42.54 -7.38
C MET B 187 1.31 -41.51 -8.29
N LEU B 188 2.26 -40.74 -7.74
CA LEU B 188 2.95 -39.71 -8.49
C LEU B 188 3.69 -40.33 -9.67
N GLY B 189 4.64 -41.21 -9.37
CA GLY B 189 5.40 -41.93 -10.39
C GLY B 189 4.57 -42.60 -11.47
N GLU B 190 3.33 -42.92 -11.16
CA GLU B 190 2.47 -43.63 -12.10
C GLU B 190 1.55 -42.68 -12.87
N ALA B 191 1.53 -41.41 -12.48
CA ALA B 191 0.66 -40.44 -13.15
C ALA B 191 1.42 -39.18 -13.62
N LEU B 192 2.63 -38.99 -13.09
CA LEU B 192 3.47 -37.84 -13.48
C LEU B 192 4.11 -37.87 -14.89
N PRO B 193 4.77 -38.97 -15.30
CA PRO B 193 5.41 -38.99 -16.62
C PRO B 193 4.41 -38.63 -17.70
N PHE B 194 3.17 -38.96 -17.36
CA PHE B 194 1.98 -38.74 -18.12
C PHE B 194 1.73 -37.26 -18.48
N ILE B 195 1.99 -36.37 -17.52
CA ILE B 195 1.78 -34.93 -17.71
C ILE B 195 3.04 -34.32 -18.29
N GLN B 196 4.17 -34.99 -18.07
CA GLN B 196 5.46 -34.54 -18.60
C GLN B 196 5.44 -34.59 -20.11
N ARG B 197 4.60 -35.45 -20.68
CA ARG B 197 4.53 -35.60 -22.12
C ARG B 197 3.77 -34.40 -22.68
N VAL B 198 2.63 -34.08 -22.07
CA VAL B 198 1.82 -32.92 -22.45
C VAL B 198 2.64 -31.63 -22.38
N TYR B 199 3.57 -31.59 -21.44
CA TYR B 199 4.50 -30.46 -21.37
C TYR B 199 5.44 -30.48 -22.56
N ASN B 200 6.27 -31.52 -22.63
CA ASN B 200 7.29 -31.66 -23.69
C ASN B 200 6.72 -31.51 -25.10
N VAL B 201 5.55 -32.10 -25.33
CA VAL B 201 4.86 -31.92 -26.60
C VAL B 201 4.65 -30.44 -26.84
N SER B 202 4.08 -29.77 -25.84
CA SER B 202 3.81 -28.34 -25.95
C SER B 202 5.09 -27.52 -26.08
N GLN B 203 6.13 -27.91 -25.35
CA GLN B 203 7.40 -27.18 -25.39
C GLN B 203 8.03 -27.29 -26.76
N LYS B 204 7.89 -28.47 -27.37
CA LYS B 204 8.33 -28.69 -28.74
C LYS B 204 7.69 -27.68 -29.69
N LEU B 205 6.36 -27.69 -29.72
CA LEU B 205 5.58 -26.79 -30.56
C LEU B 205 6.05 -25.33 -30.45
N TYR B 206 6.21 -24.85 -29.22
CA TYR B 206 6.57 -23.45 -29.04
C TYR B 206 8.03 -23.18 -29.41
N ALA B 207 8.92 -24.09 -29.06
CA ALA B 207 10.33 -23.93 -29.39
C ALA B 207 10.54 -23.92 -30.91
N GLU B 208 9.75 -24.73 -31.62
CA GLU B 208 9.81 -24.77 -33.08
C GLU B 208 9.60 -23.38 -33.67
N HIS B 209 8.53 -22.71 -33.25
CA HIS B 209 8.16 -21.43 -33.81
C HIS B 209 8.79 -20.27 -33.05
N SER B 210 9.79 -20.58 -32.21
CA SER B 210 10.51 -19.56 -31.46
C SER B 210 9.56 -18.66 -30.67
N LEU B 211 8.52 -19.26 -30.11
CA LEU B 211 7.49 -18.53 -29.38
C LEU B 211 7.77 -18.63 -27.89
N LEU B 212 9.00 -18.98 -27.56
CA LEU B 212 9.38 -19.29 -26.20
C LEU B 212 9.51 -18.03 -25.34
N ASP B 213 9.38 -16.86 -25.97
CA ASP B 213 9.54 -15.61 -25.24
C ASP B 213 8.50 -14.57 -25.62
N LEU B 214 7.32 -15.03 -25.99
CA LEU B 214 6.20 -14.14 -26.29
C LEU B 214 6.00 -13.18 -25.13
N PRO B 215 5.71 -11.90 -25.44
CA PRO B 215 5.52 -10.88 -24.41
C PRO B 215 4.05 -10.80 -23.97
N ASN C 10 -31.47 -4.24 -16.00
CA ASN C 10 -32.74 -4.70 -15.44
C ASN C 10 -32.86 -4.41 -13.95
N LEU C 11 -33.04 -3.14 -13.60
CA LEU C 11 -33.04 -2.73 -12.19
C LEU C 11 -34.43 -2.92 -11.58
N LYS C 12 -35.48 -2.83 -12.39
CA LYS C 12 -36.83 -3.02 -11.87
C LYS C 12 -36.95 -4.41 -11.24
N VAL C 13 -36.24 -5.38 -11.82
CA VAL C 13 -36.27 -6.75 -11.35
C VAL C 13 -35.89 -6.89 -9.89
N VAL C 14 -34.75 -6.31 -9.50
CA VAL C 14 -34.28 -6.42 -8.12
C VAL C 14 -35.13 -5.58 -7.16
N LEU C 15 -35.44 -4.35 -7.57
CA LEU C 15 -36.23 -3.44 -6.73
C LEU C 15 -37.61 -3.95 -6.39
N VAL C 16 -38.09 -4.98 -7.10
CA VAL C 16 -39.41 -5.54 -6.81
C VAL C 16 -39.28 -6.92 -6.18
N SER C 17 -38.07 -7.48 -6.19
CA SER C 17 -37.84 -8.75 -5.50
C SER C 17 -37.84 -8.55 -4.00
N PHE C 18 -37.99 -7.30 -3.57
CA PHE C 18 -38.11 -6.99 -2.16
C PHE C 18 -39.56 -7.11 -1.72
N LYS C 19 -40.41 -7.42 -2.68
CA LYS C 19 -41.81 -7.66 -2.38
C LYS C 19 -41.88 -9.03 -1.70
N GLN C 20 -41.05 -9.94 -2.18
CA GLN C 20 -41.00 -11.31 -1.68
C GLN C 20 -40.24 -11.42 -0.37
N CYS C 21 -39.72 -10.29 0.12
CA CYS C 21 -38.98 -10.28 1.39
C CYS C 21 -39.89 -10.22 2.62
N LEU C 22 -40.98 -9.48 2.53
CA LEU C 22 -41.94 -9.41 3.63
C LEU C 22 -43.08 -10.39 3.43
N ASP C 23 -43.26 -11.30 4.39
CA ASP C 23 -44.35 -12.26 4.33
C ASP C 23 -45.63 -11.72 4.96
N GLU C 24 -46.62 -12.59 5.08
CA GLU C 24 -47.91 -12.26 5.65
C GLU C 24 -47.76 -11.64 7.04
N LYS C 25 -46.89 -12.23 7.84
CA LYS C 25 -46.72 -11.87 9.25
C LYS C 25 -45.95 -10.57 9.45
N GLU C 26 -45.57 -9.95 8.34
CA GLU C 26 -44.78 -8.72 8.32
C GLU C 26 -43.37 -9.02 8.85
N GLU C 27 -42.88 -10.22 8.52
CA GLU C 27 -41.52 -10.62 8.88
C GLU C 27 -40.59 -10.60 7.67
N VAL C 28 -39.36 -10.14 7.89
CA VAL C 28 -38.36 -10.09 6.82
C VAL C 28 -37.70 -11.46 6.63
N LEU C 29 -37.94 -12.08 5.48
CA LEU C 29 -37.36 -13.39 5.21
C LEU C 29 -35.95 -13.26 4.66
N LEU C 30 -35.05 -14.05 5.21
CA LEU C 30 -33.64 -13.93 4.89
C LEU C 30 -33.28 -14.38 3.49
N ASP C 31 -34.01 -15.38 2.98
CA ASP C 31 -33.66 -15.96 1.69
C ASP C 31 -34.01 -15.07 0.49
N PRO C 32 -35.19 -14.44 0.47
CA PRO C 32 -35.36 -13.46 -0.60
C PRO C 32 -34.45 -12.25 -0.40
N TYR C 33 -34.23 -11.88 0.86
CA TYR C 33 -33.33 -10.79 1.20
C TYR C 33 -31.95 -10.98 0.55
N ILE C 34 -31.31 -12.12 0.85
CA ILE C 34 -30.02 -12.44 0.27
C ILE C 34 -30.11 -12.47 -1.25
N ALA C 35 -31.20 -13.02 -1.76
CA ALA C 35 -31.41 -13.09 -3.21
C ALA C 35 -31.51 -11.69 -3.79
N SER C 36 -32.34 -10.85 -3.18
CA SER C 36 -32.46 -9.45 -3.62
C SER C 36 -31.14 -8.70 -3.50
N TRP C 37 -30.36 -9.03 -2.48
CA TRP C 37 -29.09 -8.34 -2.27
C TRP C 37 -28.05 -8.70 -3.33
N LYS C 38 -27.99 -9.98 -3.70
CA LYS C 38 -27.10 -10.43 -4.77
C LYS C 38 -27.42 -9.69 -6.05
N GLY C 39 -28.71 -9.42 -6.24
CA GLY C 39 -29.18 -8.67 -7.38
C GLY C 39 -28.69 -7.24 -7.34
N LEU C 40 -28.61 -6.68 -6.13
CA LEU C 40 -28.08 -5.33 -5.97
C LEU C 40 -26.57 -5.36 -6.20
N VAL C 41 -25.91 -6.40 -5.71
CA VAL C 41 -24.49 -6.59 -5.97
C VAL C 41 -24.24 -6.66 -7.47
N ARG C 42 -25.07 -7.43 -8.15
CA ARG C 42 -25.03 -7.54 -9.60
C ARG C 42 -25.12 -6.16 -10.25
N PHE C 43 -25.96 -5.31 -9.67
CA PHE C 43 -26.17 -3.95 -10.14
C PHE C 43 -24.99 -3.04 -9.82
N LEU C 44 -24.29 -3.34 -8.74
CA LEU C 44 -23.14 -2.56 -8.31
C LEU C 44 -21.94 -2.78 -9.24
N ASN C 45 -21.71 -4.04 -9.59
CA ASN C 45 -20.68 -4.41 -10.56
C ASN C 45 -20.84 -3.72 -11.90
N SER C 46 -22.08 -3.35 -12.25
CA SER C 46 -22.35 -2.72 -13.53
C SER C 46 -22.19 -1.21 -13.45
N LEU C 47 -21.34 -0.76 -12.55
CA LEU C 47 -21.13 0.67 -12.38
C LEU C 47 -19.64 0.96 -12.49
N GLY C 48 -18.86 -0.10 -12.66
CA GLY C 48 -17.43 0.02 -12.81
C GLY C 48 -16.74 -1.08 -12.03
N THR C 49 -15.45 -1.26 -12.30
CA THR C 49 -14.66 -2.21 -11.55
C THR C 49 -14.26 -1.60 -10.21
N ILE C 50 -14.38 -0.28 -10.09
CA ILE C 50 -14.09 0.41 -8.84
C ILE C 50 -15.21 0.11 -7.84
N PHE C 51 -16.44 0.28 -8.29
CA PHE C 51 -17.60 -0.09 -7.47
C PHE C 51 -17.59 -1.58 -7.16
N SER C 52 -17.24 -2.38 -8.15
CA SER C 52 -17.11 -3.83 -7.98
C SER C 52 -16.23 -4.16 -6.77
N PHE C 53 -15.19 -3.36 -6.56
CA PHE C 53 -14.28 -3.55 -5.44
C PHE C 53 -14.95 -3.27 -4.10
N ILE C 54 -15.79 -2.24 -4.09
CA ILE C 54 -16.56 -1.89 -2.90
C ILE C 54 -17.47 -3.02 -2.47
N SER C 55 -18.33 -3.44 -3.39
CA SER C 55 -19.31 -4.49 -3.13
C SER C 55 -18.70 -5.85 -2.82
N LYS C 56 -17.39 -6.00 -2.94
CA LYS C 56 -16.74 -7.27 -2.64
C LYS C 56 -16.92 -7.60 -1.16
N ASP C 57 -17.16 -6.56 -0.37
CA ASP C 57 -17.34 -6.70 1.07
C ASP C 57 -18.79 -7.12 1.33
N VAL C 58 -19.74 -6.50 0.61
CA VAL C 58 -21.15 -6.86 0.70
C VAL C 58 -21.37 -8.34 0.41
N VAL C 59 -20.67 -8.85 -0.59
CA VAL C 59 -20.75 -10.26 -0.96
C VAL C 59 -20.23 -11.12 0.18
N SER C 60 -19.08 -10.73 0.72
CA SER C 60 -18.46 -11.46 1.81
C SER C 60 -19.41 -11.59 2.98
N LYS C 61 -20.29 -10.60 3.15
CA LYS C 61 -21.28 -10.64 4.23
C LYS C 61 -22.48 -11.47 3.84
N LEU C 62 -22.88 -11.40 2.57
CA LEU C 62 -23.94 -12.28 2.07
C LEU C 62 -23.57 -13.75 2.19
N ARG C 63 -22.28 -14.04 2.08
CA ARG C 63 -21.79 -15.41 2.20
C ARG C 63 -21.96 -15.89 3.64
N ILE C 64 -21.59 -15.03 4.58
CA ILE C 64 -21.78 -15.31 6.00
C ILE C 64 -23.21 -15.73 6.32
N MET C 65 -24.18 -15.10 5.66
CA MET C 65 -25.58 -15.38 5.90
C MET C 65 -26.00 -16.73 5.30
N GLU C 66 -25.42 -17.07 4.16
CA GLU C 66 -25.68 -18.35 3.54
C GLU C 66 -25.16 -19.52 4.39
N ARG C 67 -23.94 -19.36 4.90
CA ARG C 67 -23.32 -20.36 5.75
C ARG C 67 -24.12 -20.59 7.03
N LEU C 68 -24.96 -19.63 7.37
CA LEU C 68 -25.84 -19.73 8.52
C LEU C 68 -27.17 -20.37 8.15
N ARG C 69 -27.74 -19.95 7.02
CA ARG C 69 -28.99 -20.52 6.53
C ARG C 69 -28.81 -21.95 6.02
N GLY C 70 -27.56 -22.33 5.77
CA GLY C 70 -27.25 -23.68 5.35
C GLY C 70 -26.57 -24.51 6.42
N GLY C 71 -26.88 -24.22 7.68
CA GLY C 71 -26.24 -24.91 8.79
C GLY C 71 -27.20 -25.54 9.77
N PRO C 72 -26.66 -26.12 10.84
CA PRO C 72 -27.40 -26.78 11.93
C PRO C 72 -28.60 -25.99 12.44
N GLN C 73 -28.54 -24.66 12.34
CA GLN C 73 -29.59 -23.83 12.91
C GLN C 73 -30.37 -23.14 11.80
N SER C 74 -30.33 -23.74 10.60
CA SER C 74 -30.96 -23.19 9.40
C SER C 74 -32.40 -22.68 9.60
N GLU C 75 -33.15 -23.31 10.50
CA GLU C 75 -34.53 -22.93 10.74
C GLU C 75 -34.60 -21.61 11.51
N HIS C 76 -33.57 -21.33 12.29
CA HIS C 76 -33.53 -20.14 13.14
C HIS C 76 -33.21 -18.88 12.34
N TYR C 77 -32.68 -19.07 11.13
CA TYR C 77 -32.33 -17.96 10.24
C TYR C 77 -33.33 -17.79 9.12
N ARG C 78 -34.50 -18.42 9.28
CA ARG C 78 -35.58 -18.32 8.29
C ARG C 78 -36.02 -16.88 8.11
N SER C 79 -36.09 -16.12 9.21
CA SER C 79 -36.41 -14.71 9.15
C SER C 79 -35.48 -13.93 10.07
N LEU C 80 -35.50 -12.60 9.96
CA LEU C 80 -34.65 -11.76 10.80
C LEU C 80 -35.06 -11.84 12.26
N GLN C 81 -36.35 -11.71 12.53
CA GLN C 81 -36.86 -11.86 13.89
C GLN C 81 -36.44 -13.22 14.44
N ALA C 82 -36.59 -14.26 13.61
CA ALA C 82 -36.12 -15.60 13.96
C ALA C 82 -34.66 -15.57 14.36
N MET C 83 -33.88 -14.83 13.59
CA MET C 83 -32.44 -14.67 13.85
C MET C 83 -32.16 -13.94 15.14
N VAL C 84 -32.76 -12.76 15.28
CA VAL C 84 -32.55 -11.90 16.44
C VAL C 84 -32.87 -12.63 17.74
N ALA C 85 -33.97 -13.36 17.76
CA ALA C 85 -34.37 -14.09 18.95
C ALA C 85 -33.35 -15.16 19.30
N HIS C 86 -33.01 -15.98 18.31
CA HIS C 86 -32.09 -17.11 18.47
C HIS C 86 -30.73 -16.67 19.01
N GLU C 87 -30.14 -15.69 18.33
CA GLU C 87 -28.78 -15.26 18.63
C GLU C 87 -28.72 -14.51 19.96
N LEU C 88 -29.65 -13.58 20.19
CA LEU C 88 -29.67 -12.80 21.42
C LEU C 88 -29.81 -13.66 22.65
N SER C 89 -30.65 -14.68 22.58
CA SER C 89 -30.93 -15.51 23.74
C SER C 89 -29.77 -16.47 23.98
N ASN C 90 -29.13 -16.89 22.90
CA ASN C 90 -27.98 -17.78 23.01
C ASN C 90 -26.65 -17.05 23.20
N ARG C 91 -26.70 -15.73 23.35
CA ARG C 91 -25.50 -14.90 23.54
C ARG C 91 -24.46 -15.09 22.43
N LEU C 92 -24.94 -15.21 21.19
CA LEU C 92 -24.07 -15.35 20.01
C LEU C 92 -23.76 -14.00 19.36
N VAL C 93 -24.21 -12.92 19.98
CA VAL C 93 -23.96 -11.59 19.43
C VAL C 93 -23.10 -10.79 20.40
N ASP C 94 -22.07 -10.12 19.88
CA ASP C 94 -21.27 -9.24 20.71
C ASP C 94 -21.97 -7.90 20.85
N LEU C 95 -22.47 -7.60 22.05
CA LEU C 95 -23.27 -6.40 22.27
C LEU C 95 -22.46 -5.20 22.72
N GLU C 96 -21.39 -5.45 23.46
CA GLU C 96 -20.60 -4.34 23.99
C GLU C 96 -19.56 -3.89 22.99
N ARG C 97 -18.49 -4.66 22.86
CA ARG C 97 -17.41 -4.33 21.95
C ARG C 97 -16.94 -5.56 21.17
N ARG C 98 -16.14 -5.30 20.15
CA ARG C 98 -15.64 -6.35 19.26
C ARG C 98 -14.98 -7.46 20.07
N SER C 99 -15.35 -8.70 19.78
CA SER C 99 -14.92 -9.83 20.60
C SER C 99 -15.19 -11.15 19.90
N HIS C 100 -15.38 -12.19 20.70
CA HIS C 100 -15.53 -13.57 20.23
C HIS C 100 -16.44 -13.81 19.02
N HIS C 101 -17.41 -12.93 18.80
CA HIS C 101 -18.39 -13.12 17.74
C HIS C 101 -18.34 -12.02 16.67
N PRO C 102 -17.32 -12.06 15.81
CA PRO C 102 -17.08 -11.00 14.83
C PRO C 102 -17.91 -11.15 13.55
N GLU C 103 -18.61 -12.27 13.42
CA GLU C 103 -19.40 -12.55 12.22
C GLU C 103 -20.81 -13.04 12.58
N SER C 104 -21.32 -12.60 13.73
CA SER C 104 -22.69 -12.93 14.11
C SER C 104 -23.66 -12.46 13.05
N GLY C 105 -24.82 -13.10 12.97
CA GLY C 105 -25.84 -12.75 12.00
C GLY C 105 -26.35 -11.34 12.14
N CYS C 106 -26.54 -10.91 13.39
CA CYS C 106 -27.12 -9.61 13.67
C CYS C 106 -26.20 -8.47 13.22
N ARG C 107 -24.91 -8.57 13.55
CA ARG C 107 -23.97 -7.52 13.16
C ARG C 107 -23.73 -7.55 11.66
N THR C 108 -23.79 -8.74 11.06
CA THR C 108 -23.54 -8.88 9.63
C THR C 108 -24.69 -8.26 8.84
N VAL C 109 -25.93 -8.65 9.18
CA VAL C 109 -27.11 -8.08 8.53
C VAL C 109 -27.18 -6.57 8.73
N LEU C 110 -26.84 -6.11 9.93
CA LEU C 110 -26.86 -4.69 10.25
C LEU C 110 -26.02 -3.89 9.25
N ARG C 111 -24.87 -4.43 8.87
CA ARG C 111 -24.02 -3.77 7.88
C ARG C 111 -24.73 -3.73 6.52
N LEU C 112 -25.35 -4.85 6.15
CA LEU C 112 -26.15 -4.91 4.94
C LEU C 112 -27.33 -3.93 5.04
N HIS C 113 -27.98 -3.91 6.19
CA HIS C 113 -29.10 -3.01 6.45
C HIS C 113 -28.75 -1.56 6.18
N ARG C 114 -27.67 -1.10 6.81
CA ARG C 114 -27.22 0.28 6.64
C ARG C 114 -26.92 0.57 5.17
N ALA C 115 -26.36 -0.42 4.50
CA ALA C 115 -26.05 -0.30 3.08
C ALA C 115 -27.31 -0.17 2.23
N LEU C 116 -28.32 -0.96 2.56
CA LEU C 116 -29.60 -0.93 1.85
C LEU C 116 -30.23 0.45 2.03
N HIS C 117 -29.98 1.06 3.19
CA HIS C 117 -30.45 2.41 3.47
C HIS C 117 -29.79 3.43 2.55
N TRP C 118 -28.50 3.24 2.28
CA TRP C 118 -27.76 4.15 1.42
C TRP C 118 -28.28 4.12 -0.02
N LEU C 119 -28.44 2.91 -0.56
CA LEU C 119 -28.90 2.69 -1.93
C LEU C 119 -30.30 3.22 -2.13
N GLN C 120 -31.17 2.94 -1.16
CA GLN C 120 -32.54 3.44 -1.20
C GLN C 120 -32.56 4.97 -1.24
N LEU C 121 -31.82 5.62 -0.34
CA LEU C 121 -31.72 7.09 -0.38
C LEU C 121 -31.06 7.59 -1.64
N PHE C 122 -30.23 6.76 -2.25
CA PHE C 122 -29.52 7.16 -3.44
C PHE C 122 -30.51 7.25 -4.58
N LEU C 123 -31.17 6.13 -4.85
CA LEU C 123 -32.11 6.01 -5.95
C LEU C 123 -33.25 7.02 -5.86
N GLU C 124 -33.76 7.20 -4.64
CA GLU C 124 -34.79 8.19 -4.39
C GLU C 124 -34.24 9.61 -4.63
N GLY C 125 -32.95 9.78 -4.42
CA GLY C 125 -32.33 11.06 -4.69
C GLY C 125 -32.32 11.37 -6.18
N LEU C 126 -32.01 10.34 -6.96
CA LEU C 126 -31.98 10.42 -8.40
C LEU C 126 -33.34 10.76 -8.97
N ARG C 127 -34.32 9.97 -8.56
CA ARG C 127 -35.70 10.10 -8.99
C ARG C 127 -36.22 11.53 -8.90
N THR C 128 -36.04 12.15 -7.74
CA THR C 128 -36.54 13.49 -7.50
C THR C 128 -35.52 14.57 -7.83
N SER C 129 -34.49 14.21 -8.58
CA SER C 129 -33.38 15.14 -8.83
C SER C 129 -33.66 16.01 -10.06
N PRO C 130 -33.15 17.24 -10.04
CA PRO C 130 -33.18 18.09 -11.22
C PRO C 130 -32.41 17.43 -12.37
N GLU C 131 -32.67 17.84 -13.61
CA GLU C 131 -32.06 17.21 -14.78
C GLU C 131 -30.54 17.44 -14.85
N ASP C 132 -30.09 18.52 -14.21
CA ASP C 132 -28.68 18.90 -14.25
C ASP C 132 -27.89 18.33 -13.08
N ALA C 133 -28.56 17.54 -12.24
CA ALA C 133 -27.92 16.94 -11.07
C ALA C 133 -26.80 15.98 -11.47
N ARG C 134 -25.71 15.99 -10.71
CA ARG C 134 -24.61 15.06 -10.95
C ARG C 134 -24.79 13.81 -10.07
N THR C 135 -24.57 12.63 -10.66
CA THR C 135 -24.80 11.38 -9.95
C THR C 135 -23.82 11.23 -8.78
N SER C 136 -22.58 11.64 -8.98
CA SER C 136 -21.56 11.61 -7.94
C SER C 136 -22.02 12.25 -6.62
N ALA C 137 -22.67 13.41 -6.71
CA ALA C 137 -23.14 14.12 -5.52
C ALA C 137 -24.39 13.48 -4.93
N LEU C 138 -25.28 12.98 -5.77
CA LEU C 138 -26.47 12.31 -5.31
C LEU C 138 -26.08 11.08 -4.50
N CYS C 139 -24.99 10.45 -4.91
CA CYS C 139 -24.48 9.27 -4.23
C CYS C 139 -23.81 9.70 -2.92
N ALA C 140 -23.04 10.78 -2.99
CA ALA C 140 -22.37 11.32 -1.81
C ALA C 140 -23.37 11.80 -0.75
N ASP C 141 -24.35 12.60 -1.18
CA ASP C 141 -25.35 13.17 -0.27
C ASP C 141 -26.11 12.08 0.47
N SER C 142 -26.39 10.97 -0.21
CA SER C 142 -27.08 9.85 0.42
C SER C 142 -26.11 8.99 1.22
N TYR C 143 -24.84 8.98 0.82
CA TYR C 143 -23.81 8.27 1.56
C TYR C 143 -23.62 8.89 2.93
N ASN C 144 -23.55 10.22 2.96
CA ASN C 144 -23.36 10.94 4.20
C ASN C 144 -24.49 10.77 5.18
N ALA C 145 -25.67 10.44 4.66
CA ALA C 145 -26.87 10.34 5.49
C ALA C 145 -27.09 8.94 6.04
N SER C 146 -26.26 7.99 5.63
CA SER C 146 -26.52 6.59 5.97
C SER C 146 -25.31 5.83 6.47
N LEU C 147 -24.14 6.12 5.90
CA LEU C 147 -22.97 5.30 6.15
C LEU C 147 -21.81 6.09 6.78
N ALA C 148 -21.65 7.35 6.39
CA ALA C 148 -20.57 8.20 6.87
C ALA C 148 -20.36 8.11 8.37
N ALA C 149 -21.46 8.10 9.11
CA ALA C 149 -21.39 8.03 10.57
C ALA C 149 -20.80 6.70 11.04
N TYR C 150 -20.87 5.67 10.20
CA TYR C 150 -20.47 4.32 10.59
C TYR C 150 -19.18 3.85 9.92
N HIS C 151 -18.52 4.72 9.16
CA HIS C 151 -17.34 4.30 8.41
C HIS C 151 -16.04 4.99 8.84
N PRO C 152 -14.94 4.26 8.77
CA PRO C 152 -13.63 4.81 9.11
C PRO C 152 -13.19 5.89 8.16
N TRP C 153 -12.26 6.73 8.60
CA TRP C 153 -11.70 7.82 7.81
C TRP C 153 -11.21 7.31 6.46
N VAL C 154 -10.38 6.28 6.51
CA VAL C 154 -9.81 5.71 5.31
C VAL C 154 -10.88 5.21 4.34
N VAL C 155 -11.90 4.54 4.85
CA VAL C 155 -13.00 4.09 4.01
C VAL C 155 -13.76 5.28 3.43
N ARG C 156 -14.21 6.18 4.30
CA ARG C 156 -14.95 7.38 3.87
C ARG C 156 -14.32 8.08 2.69
N ARG C 157 -13.01 8.30 2.78
CA ARG C 157 -12.25 8.99 1.75
C ARG C 157 -12.05 8.13 0.51
N ALA C 158 -11.87 6.83 0.69
CA ALA C 158 -11.72 5.91 -0.43
C ALA C 158 -12.99 5.86 -1.27
N VAL C 159 -14.11 5.65 -0.58
CA VAL C 159 -15.44 5.61 -1.19
C VAL C 159 -15.70 6.83 -2.08
N THR C 160 -15.24 7.98 -1.61
CA THR C 160 -15.40 9.24 -2.33
C THR C 160 -14.83 9.16 -3.75
N VAL C 161 -13.76 8.38 -3.91
CA VAL C 161 -13.15 8.19 -5.22
C VAL C 161 -14.06 7.43 -6.18
N ALA C 162 -14.69 6.36 -5.68
CA ALA C 162 -15.59 5.56 -6.49
C ALA C 162 -16.80 6.36 -6.99
N PHE C 163 -17.32 7.23 -6.13
CA PHE C 163 -18.48 8.05 -6.48
C PHE C 163 -18.24 8.87 -7.74
N CYS C 164 -16.98 9.26 -7.95
CA CYS C 164 -16.65 10.12 -9.08
C CYS C 164 -16.57 9.35 -10.39
N THR C 165 -16.57 8.02 -10.31
CA THR C 165 -16.58 7.19 -11.51
C THR C 165 -18.00 6.90 -11.95
N LEU C 166 -18.95 7.64 -11.39
CA LEU C 166 -20.36 7.42 -11.70
C LEU C 166 -20.75 8.12 -12.99
N PRO C 167 -21.61 7.47 -13.79
CA PRO C 167 -22.20 8.00 -15.02
C PRO C 167 -22.92 9.30 -14.78
N THR C 168 -23.35 9.96 -15.85
CA THR C 168 -24.12 11.19 -15.71
C THR C 168 -25.55 10.80 -15.34
N ARG C 169 -26.34 11.78 -14.89
CA ARG C 169 -27.71 11.52 -14.46
C ARG C 169 -28.51 10.73 -15.51
N GLU C 170 -28.55 11.24 -16.73
CA GLU C 170 -29.31 10.63 -17.80
C GLU C 170 -28.79 9.24 -18.13
N VAL C 171 -27.48 9.14 -18.30
CA VAL C 171 -26.82 7.90 -18.64
C VAL C 171 -27.07 6.83 -17.57
N PHE C 172 -27.11 7.27 -16.32
CA PHE C 172 -27.32 6.36 -15.21
C PHE C 172 -28.75 5.83 -15.24
N LEU C 173 -29.71 6.72 -15.45
CA LEU C 173 -31.12 6.33 -15.50
C LEU C 173 -31.38 5.40 -16.68
N GLU C 174 -30.84 5.73 -17.85
CA GLU C 174 -30.98 4.88 -19.04
C GLU C 174 -30.42 3.49 -18.78
N ALA C 175 -29.27 3.43 -18.11
CA ALA C 175 -28.57 2.17 -17.83
C ALA C 175 -29.40 1.23 -16.97
N MET C 176 -30.58 1.69 -16.54
CA MET C 176 -31.48 0.86 -15.78
C MET C 176 -32.27 -0.02 -16.75
N ASN C 177 -32.02 0.19 -18.04
CA ASN C 177 -32.62 -0.59 -19.11
C ASN C 177 -34.14 -0.68 -19.03
N VAL C 178 -34.79 0.47 -18.90
CA VAL C 178 -36.26 0.54 -18.85
C VAL C 178 -36.70 1.71 -19.75
N GLY C 179 -35.73 2.30 -20.44
CA GLY C 179 -36.04 3.36 -21.38
C GLY C 179 -35.47 4.71 -20.99
N PRO C 180 -36.06 5.79 -21.51
CA PRO C 180 -35.68 7.19 -21.31
C PRO C 180 -35.53 7.55 -19.84
N PRO C 181 -34.89 8.70 -19.53
CA PRO C 181 -34.71 9.12 -18.13
C PRO C 181 -36.03 9.18 -17.37
N GLU C 182 -36.97 10.00 -17.81
CA GLU C 182 -38.24 10.16 -17.11
C GLU C 182 -39.06 8.87 -17.12
N GLN C 183 -38.65 7.91 -17.94
CA GLN C 183 -39.29 6.60 -17.97
C GLN C 183 -38.80 5.78 -16.78
N ALA C 184 -37.55 6.04 -16.40
CA ALA C 184 -36.93 5.41 -15.24
C ALA C 184 -37.36 6.09 -13.94
N VAL C 185 -37.48 7.42 -13.99
CA VAL C 185 -37.98 8.21 -12.88
C VAL C 185 -39.35 7.72 -12.42
N GLN C 186 -40.12 7.19 -13.36
CA GLN C 186 -41.40 6.57 -13.04
C GLN C 186 -41.17 5.19 -12.40
N MET C 187 -40.37 4.37 -13.06
CA MET C 187 -40.05 3.02 -12.57
C MET C 187 -39.59 3.04 -11.12
N LEU C 188 -38.79 4.04 -10.78
CA LEU C 188 -38.27 4.18 -9.43
C LEU C 188 -39.41 4.42 -8.44
N GLY C 189 -40.16 5.51 -8.63
CA GLY C 189 -41.30 5.82 -7.78
C GLY C 189 -42.31 4.71 -7.57
N GLU C 190 -42.40 3.78 -8.52
CA GLU C 190 -43.38 2.71 -8.42
C GLU C 190 -42.79 1.39 -7.90
N ALA C 191 -41.47 1.32 -7.77
CA ALA C 191 -40.82 0.08 -7.34
C ALA C 191 -39.97 0.30 -6.11
N LEU C 192 -39.69 1.56 -5.82
CA LEU C 192 -38.91 1.94 -4.65
C LEU C 192 -39.62 1.58 -3.32
N PRO C 193 -40.94 1.84 -3.19
CA PRO C 193 -41.59 1.54 -1.91
C PRO C 193 -41.38 0.12 -1.38
N PHE C 194 -41.17 -0.83 -2.28
CA PHE C 194 -40.93 -2.22 -1.89
C PHE C 194 -39.69 -2.33 -0.98
N ILE C 195 -38.64 -1.57 -1.29
CA ILE C 195 -37.39 -1.67 -0.54
C ILE C 195 -37.37 -0.76 0.68
N GLN C 196 -38.15 0.30 0.58
CA GLN C 196 -38.30 1.26 1.66
C GLN C 196 -39.07 0.61 2.79
N ARG C 197 -39.90 -0.35 2.42
CA ARG C 197 -40.76 -1.06 3.34
C ARG C 197 -39.98 -2.13 4.09
N VAL C 198 -39.21 -2.93 3.36
CA VAL C 198 -38.32 -3.93 3.97
C VAL C 198 -37.31 -3.29 4.90
N TYR C 199 -36.89 -2.08 4.54
CA TYR C 199 -35.96 -1.32 5.36
C TYR C 199 -36.57 -0.93 6.69
N ASN C 200 -37.64 -0.14 6.64
CA ASN C 200 -38.29 0.35 7.85
C ASN C 200 -38.62 -0.75 8.84
N VAL C 201 -39.11 -1.88 8.34
CA VAL C 201 -39.35 -3.04 9.19
C VAL C 201 -38.08 -3.50 9.90
N SER C 202 -37.00 -3.69 9.15
CA SER C 202 -35.76 -4.15 9.76
C SER C 202 -35.23 -3.13 10.77
N GLN C 203 -35.39 -1.84 10.47
CA GLN C 203 -34.93 -0.79 11.38
C GLN C 203 -35.71 -0.84 12.67
N LYS C 204 -37.02 -1.05 12.56
CA LYS C 204 -37.89 -1.25 13.71
C LYS C 204 -37.36 -2.37 14.59
N LEU C 205 -37.21 -3.54 13.98
CA LEU C 205 -36.69 -4.74 14.63
C LEU C 205 -35.41 -4.49 15.42
N TYR C 206 -34.45 -3.82 14.80
CA TYR C 206 -33.15 -3.58 15.42
C TYR C 206 -33.21 -2.52 16.50
N ALA C 207 -33.96 -1.45 16.26
CA ALA C 207 -34.09 -0.39 17.24
C ALA C 207 -34.75 -0.91 18.51
N GLU C 208 -35.71 -1.82 18.35
CA GLU C 208 -36.40 -2.44 19.47
C GLU C 208 -35.42 -3.09 20.44
N HIS C 209 -34.55 -3.93 19.90
CA HIS C 209 -33.64 -4.70 20.73
C HIS C 209 -32.33 -3.98 20.95
N SER C 210 -32.33 -2.67 20.69
CA SER C 210 -31.14 -1.85 20.88
C SER C 210 -29.92 -2.40 20.15
N LEU C 211 -30.13 -2.91 18.94
CA LEU C 211 -29.05 -3.49 18.15
C LEU C 211 -28.52 -2.52 17.09
N LEU C 212 -28.86 -1.25 17.24
CA LEU C 212 -28.60 -0.27 16.20
C LEU C 212 -27.14 0.15 16.10
N ASP C 213 -26.31 -0.35 17.03
CA ASP C 213 -24.89 0.02 17.08
C ASP C 213 -23.97 -1.16 17.34
N LEU C 214 -24.38 -2.34 16.91
CA LEU C 214 -23.54 -3.54 17.03
C LEU C 214 -22.17 -3.30 16.43
N PRO C 215 -21.12 -3.81 17.10
CA PRO C 215 -19.74 -3.68 16.62
C PRO C 215 -19.34 -4.85 15.72
N ASN D 10 9.86 34.60 5.80
CA ASN D 10 9.10 35.79 6.14
C ASN D 10 7.88 35.43 6.99
N LEU D 11 8.13 35.00 8.23
CA LEU D 11 7.06 34.49 9.07
C LEU D 11 6.33 35.57 9.89
N LYS D 12 7.04 36.63 10.23
CA LYS D 12 6.48 37.72 11.04
C LYS D 12 5.27 38.37 10.37
N VAL D 13 5.30 38.45 9.05
CA VAL D 13 4.21 39.05 8.29
C VAL D 13 2.88 38.36 8.58
N VAL D 14 2.90 37.02 8.51
CA VAL D 14 1.70 36.24 8.71
C VAL D 14 1.21 36.27 10.16
N LEU D 15 2.13 36.08 11.09
CA LEU D 15 1.80 36.06 12.52
C LEU D 15 1.18 37.35 13.05
N VAL D 16 1.28 38.43 12.28
CA VAL D 16 0.72 39.71 12.69
C VAL D 16 -0.50 40.08 11.87
N SER D 17 -0.74 39.33 10.79
CA SER D 17 -1.96 39.52 10.01
C SER D 17 -3.17 38.99 10.77
N PHE D 18 -2.91 38.45 11.96
CA PHE D 18 -3.95 37.96 12.85
C PHE D 18 -4.50 39.09 13.72
N LYS D 19 -3.91 40.26 13.59
CA LYS D 19 -4.39 41.43 14.28
C LYS D 19 -5.67 41.88 13.60
N GLN D 20 -5.67 41.78 12.29
CA GLN D 20 -6.77 42.27 11.48
C GLN D 20 -7.96 41.31 11.50
N CYS D 21 -7.79 40.20 12.22
CA CYS D 21 -8.83 39.18 12.36
C CYS D 21 -9.86 39.59 13.39
N LEU D 22 -9.40 40.26 14.45
CA LEU D 22 -10.28 40.77 15.51
C LEU D 22 -10.64 42.25 15.29
N ASP D 23 -11.94 42.54 15.17
CA ASP D 23 -12.40 43.93 15.03
C ASP D 23 -12.67 44.57 16.38
N GLU D 24 -13.25 45.76 16.34
CA GLU D 24 -13.58 46.51 17.55
C GLU D 24 -14.40 45.66 18.53
N LYS D 25 -15.38 44.95 18.00
CA LYS D 25 -16.35 44.19 18.81
C LYS D 25 -15.79 42.87 19.35
N GLU D 26 -14.52 42.60 19.07
CA GLU D 26 -13.85 41.37 19.51
C GLU D 26 -14.44 40.17 18.77
N GLU D 27 -14.84 40.39 17.52
CA GLU D 27 -15.35 39.31 16.69
C GLU D 27 -14.28 38.86 15.69
N VAL D 28 -14.17 37.56 15.49
CA VAL D 28 -13.23 37.02 14.52
C VAL D 28 -13.85 37.09 13.12
N LEU D 29 -13.26 37.91 12.26
CA LEU D 29 -13.75 38.08 10.90
C LEU D 29 -13.22 36.97 10.02
N LEU D 30 -14.10 36.36 9.23
CA LEU D 30 -13.74 35.18 8.48
C LEU D 30 -12.77 35.52 7.35
N ASP D 31 -12.83 36.75 6.85
CA ASP D 31 -12.02 37.14 5.70
C ASP D 31 -10.53 37.33 6.02
N PRO D 32 -10.18 38.01 7.13
CA PRO D 32 -8.76 38.02 7.49
C PRO D 32 -8.29 36.65 7.96
N TYR D 33 -9.18 35.91 8.61
CA TYR D 33 -8.90 34.56 9.07
C TYR D 33 -8.36 33.72 7.90
N ILE D 34 -9.14 33.64 6.82
CA ILE D 34 -8.72 32.92 5.63
C ILE D 34 -7.41 33.48 5.08
N ALA D 35 -7.29 34.80 5.07
CA ALA D 35 -6.08 35.44 4.54
C ALA D 35 -4.86 35.03 5.35
N SER D 36 -4.93 35.20 6.66
CA SER D 36 -3.83 34.80 7.54
C SER D 36 -3.56 33.30 7.44
N TRP D 37 -4.61 32.51 7.24
CA TRP D 37 -4.44 31.07 7.14
C TRP D 37 -3.74 30.68 5.85
N LYS D 38 -4.09 31.36 4.76
CA LYS D 38 -3.43 31.15 3.48
C LYS D 38 -1.94 31.45 3.66
N GLY D 39 -1.63 32.42 4.51
CA GLY D 39 -0.26 32.75 4.84
C GLY D 39 0.42 31.64 5.61
N LEU D 40 -0.35 30.98 6.48
CA LEU D 40 0.18 29.86 7.26
C LEU D 40 0.39 28.63 6.39
N VAL D 41 -0.53 28.38 5.45
CA VAL D 41 -0.38 27.28 4.49
C VAL D 41 0.91 27.43 3.70
N ARG D 42 1.11 28.64 3.20
CA ARG D 42 2.31 29.03 2.47
C ARG D 42 3.56 28.71 3.29
N PHE D 43 3.46 28.92 4.60
CA PHE D 43 4.56 28.64 5.52
C PHE D 43 4.82 27.14 5.73
N LEU D 44 3.77 26.33 5.66
CA LEU D 44 3.90 24.89 5.82
C LEU D 44 4.57 24.26 4.61
N ASN D 45 4.13 24.70 3.44
CA ASN D 45 4.72 24.26 2.17
C ASN D 45 6.23 24.47 2.11
N SER D 46 6.73 25.40 2.90
CA SER D 46 8.15 25.71 2.93
C SER D 46 8.93 24.83 3.90
N LEU D 47 8.42 23.62 4.16
CA LEU D 47 9.05 22.71 5.11
C LEU D 47 9.31 21.35 4.46
N GLY D 48 8.93 21.24 3.19
CA GLY D 48 9.13 20.02 2.43
C GLY D 48 7.93 19.73 1.57
N THR D 49 8.10 18.83 0.60
CA THR D 49 7.00 18.43 -0.26
C THR D 49 6.11 17.46 0.52
N ILE D 50 6.65 16.94 1.61
CA ILE D 50 5.95 16.05 2.52
C ILE D 50 4.92 16.81 3.37
N PHE D 51 5.35 17.93 3.96
CA PHE D 51 4.45 18.82 4.68
C PHE D 51 3.39 19.41 3.76
N SER D 52 3.83 19.77 2.55
CA SER D 52 2.94 20.29 1.51
C SER D 52 1.72 19.39 1.29
N PHE D 53 1.92 18.07 1.40
CA PHE D 53 0.84 17.12 1.23
C PHE D 53 -0.18 17.22 2.35
N ILE D 54 0.30 17.46 3.57
CA ILE D 54 -0.56 17.65 4.73
C ILE D 54 -1.53 18.83 4.55
N SER D 55 -0.94 20.00 4.28
CA SER D 55 -1.68 21.24 4.12
C SER D 55 -2.64 21.29 2.92
N LYS D 56 -2.64 20.26 2.08
CA LYS D 56 -3.58 20.26 0.96
C LYS D 56 -5.00 20.21 1.50
N ASP D 57 -5.15 19.72 2.73
CA ASP D 57 -6.45 19.58 3.36
C ASP D 57 -6.91 20.92 3.95
N VAL D 58 -5.98 21.62 4.61
CA VAL D 58 -6.23 22.95 5.14
C VAL D 58 -6.72 23.89 4.02
N VAL D 59 -6.13 23.75 2.83
CA VAL D 59 -6.53 24.57 1.70
C VAL D 59 -7.96 24.20 1.28
N SER D 60 -8.24 22.91 1.19
CA SER D 60 -9.57 22.44 0.80
C SER D 60 -10.67 22.98 1.72
N LYS D 61 -10.33 23.25 2.99
CA LYS D 61 -11.28 23.80 3.95
C LYS D 61 -11.42 25.31 3.79
N LEU D 62 -10.31 25.97 3.50
CA LEU D 62 -10.31 27.39 3.19
C LEU D 62 -11.16 27.65 1.95
N ARG D 63 -11.23 26.64 1.08
CA ARG D 63 -12.04 26.72 -0.13
C ARG D 63 -13.51 26.75 0.25
N ILE D 64 -13.89 25.83 1.13
CA ILE D 64 -15.24 25.73 1.66
C ILE D 64 -15.71 27.04 2.26
N MET D 65 -14.79 27.71 2.96
CA MET D 65 -15.10 28.98 3.63
C MET D 65 -15.19 30.16 2.66
N GLU D 66 -14.36 30.16 1.64
CA GLU D 66 -14.42 31.16 0.60
C GLU D 66 -15.72 31.01 -0.19
N ARG D 67 -16.05 29.77 -0.55
CA ARG D 67 -17.28 29.49 -1.30
C ARG D 67 -18.54 29.88 -0.52
N LEU D 68 -18.41 30.03 0.79
CA LEU D 68 -19.55 30.42 1.62
C LEU D 68 -19.64 31.95 1.73
N ARG D 69 -18.52 32.61 1.96
CA ARG D 69 -18.48 34.07 2.01
C ARG D 69 -18.71 34.66 0.62
N GLY D 70 -18.60 33.82 -0.39
CA GLY D 70 -18.88 34.22 -1.75
C GLY D 70 -20.20 33.66 -2.23
N GLY D 71 -21.14 33.48 -1.30
CA GLY D 71 -22.43 32.91 -1.63
C GLY D 71 -23.61 33.77 -1.23
N PRO D 72 -24.84 33.28 -1.45
CA PRO D 72 -26.12 33.95 -1.18
C PRO D 72 -26.27 34.62 0.20
N GLN D 73 -25.63 34.06 1.23
CA GLN D 73 -25.73 34.57 2.61
C GLN D 73 -24.37 35.09 3.08
N SER D 74 -23.58 35.55 2.13
CA SER D 74 -22.22 36.05 2.37
C SER D 74 -22.10 36.96 3.59
N GLU D 75 -23.19 37.64 3.92
CA GLU D 75 -23.22 38.56 5.05
C GLU D 75 -23.21 37.81 6.38
N HIS D 76 -23.74 36.59 6.38
CA HIS D 76 -23.84 35.82 7.62
C HIS D 76 -22.53 35.12 8.00
N TYR D 77 -21.63 34.98 7.04
CA TYR D 77 -20.34 34.34 7.32
C TYR D 77 -19.26 35.39 7.39
N ARG D 78 -19.72 36.63 7.53
CA ARG D 78 -18.86 37.78 7.70
C ARG D 78 -17.96 37.64 8.91
N SER D 79 -18.51 37.06 9.97
CA SER D 79 -17.74 36.79 11.17
C SER D 79 -18.03 35.39 11.69
N LEU D 80 -17.24 34.92 12.64
CA LEU D 80 -17.46 33.58 13.20
C LEU D 80 -18.76 33.52 13.99
N GLN D 81 -18.95 34.49 14.89
CA GLN D 81 -20.18 34.61 15.64
C GLN D 81 -21.37 34.73 14.71
N ALA D 82 -21.23 35.57 13.69
CA ALA D 82 -22.25 35.69 12.64
C ALA D 82 -22.55 34.33 12.04
N MET D 83 -21.50 33.55 11.81
CA MET D 83 -21.68 32.22 11.24
C MET D 83 -22.45 31.30 12.18
N VAL D 84 -21.95 31.20 13.40
CA VAL D 84 -22.52 30.33 14.42
C VAL D 84 -24.01 30.63 14.66
N ALA D 85 -24.35 31.92 14.69
CA ALA D 85 -25.73 32.33 14.90
C ALA D 85 -26.61 31.85 13.76
N HIS D 86 -26.21 32.18 12.54
CA HIS D 86 -26.94 31.80 11.34
C HIS D 86 -27.13 30.28 11.20
N GLU D 87 -26.03 29.53 11.32
CA GLU D 87 -26.07 28.10 11.05
C GLU D 87 -26.82 27.33 12.15
N LEU D 88 -26.53 27.65 13.40
CA LEU D 88 -27.19 26.96 14.52
C LEU D 88 -28.71 27.14 14.50
N SER D 89 -29.17 28.35 14.17
CA SER D 89 -30.60 28.63 14.22
C SER D 89 -31.32 28.00 13.04
N ASN D 90 -30.65 27.95 11.90
CA ASN D 90 -31.23 27.32 10.70
C ASN D 90 -30.99 25.81 10.62
N ARG D 91 -30.45 25.24 11.70
CA ARG D 91 -30.19 23.81 11.78
C ARG D 91 -29.30 23.35 10.63
N LEU D 92 -28.31 24.16 10.30
CA LEU D 92 -27.41 23.86 9.19
C LEU D 92 -26.18 23.08 9.64
N VAL D 93 -26.13 22.74 10.93
CA VAL D 93 -24.98 22.04 11.49
C VAL D 93 -25.35 20.66 12.06
N ASP D 94 -24.55 19.66 11.75
CA ASP D 94 -24.69 18.33 12.35
C ASP D 94 -24.03 18.35 13.71
N LEU D 95 -24.83 18.26 14.78
CA LEU D 95 -24.31 18.38 16.15
C LEU D 95 -24.01 17.00 16.80
N GLU D 96 -24.75 15.97 16.42
CA GLU D 96 -24.59 14.65 17.01
C GLU D 96 -23.52 13.81 16.32
N ARG D 97 -23.85 13.29 15.15
CA ARG D 97 -22.91 12.47 14.40
C ARG D 97 -22.91 12.90 12.93
N ARG D 98 -21.92 12.42 12.18
CA ARG D 98 -21.77 12.78 10.77
C ARG D 98 -23.04 12.49 9.97
N SER D 99 -23.49 13.46 9.20
CA SER D 99 -24.79 13.33 8.54
C SER D 99 -24.92 14.41 7.45
N HIS D 100 -26.16 14.79 7.15
CA HIS D 100 -26.51 15.66 6.01
C HIS D 100 -25.63 16.87 5.71
N HIS D 101 -25.02 17.45 6.74
CA HIS D 101 -24.27 18.69 6.60
C HIS D 101 -22.80 18.51 6.90
N PRO D 102 -22.05 17.88 5.99
CA PRO D 102 -20.66 17.50 6.21
C PRO D 102 -19.66 18.62 5.95
N GLU D 103 -20.12 19.75 5.41
CA GLU D 103 -19.21 20.83 5.08
C GLU D 103 -19.73 22.18 5.58
N SER D 104 -20.51 22.14 6.66
CA SER D 104 -21.00 23.35 7.33
C SER D 104 -19.86 24.24 7.77
N GLY D 105 -20.13 25.53 7.89
CA GLY D 105 -19.11 26.48 8.29
C GLY D 105 -18.51 26.19 9.66
N CYS D 106 -19.36 25.79 10.59
CA CYS D 106 -18.95 25.59 11.98
C CYS D 106 -17.99 24.42 12.14
N ARG D 107 -18.30 23.29 11.51
CA ARG D 107 -17.44 22.11 11.63
C ARG D 107 -16.12 22.33 10.91
N THR D 108 -16.19 23.08 9.82
CA THR D 108 -15.04 23.38 8.97
C THR D 108 -14.06 24.32 9.68
N VAL D 109 -14.58 25.43 10.19
CA VAL D 109 -13.77 26.38 10.94
C VAL D 109 -13.16 25.70 12.17
N LEU D 110 -13.95 24.83 12.81
CA LEU D 110 -13.49 24.10 13.98
C LEU D 110 -12.19 23.32 13.71
N ARG D 111 -12.12 22.68 12.55
CA ARG D 111 -10.93 21.91 12.19
C ARG D 111 -9.72 22.81 11.97
N LEU D 112 -9.93 23.94 11.30
CA LEU D 112 -8.87 24.92 11.14
C LEU D 112 -8.44 25.43 12.49
N HIS D 113 -9.43 25.71 13.33
CA HIS D 113 -9.23 26.20 14.69
C HIS D 113 -8.28 25.30 15.46
N ARG D 114 -8.59 24.01 15.50
CA ARG D 114 -7.73 23.05 16.20
C ARG D 114 -6.32 23.08 15.63
N ALA D 115 -6.24 23.21 14.31
CA ALA D 115 -4.96 23.28 13.59
C ALA D 115 -4.20 24.54 13.96
N LEU D 116 -4.93 25.66 14.05
CA LEU D 116 -4.36 26.93 14.44
C LEU D 116 -3.81 26.84 15.87
N HIS D 117 -4.46 26.03 16.71
CA HIS D 117 -4.00 25.85 18.06
C HIS D 117 -2.66 25.11 18.07
N TRP D 118 -2.51 24.14 17.17
CA TRP D 118 -1.31 23.33 17.08
C TRP D 118 -0.09 24.17 16.70
N LEU D 119 -0.26 25.02 15.69
CA LEU D 119 0.81 25.89 15.23
C LEU D 119 1.22 26.91 16.30
N GLN D 120 0.22 27.51 16.95
CA GLN D 120 0.44 28.46 18.03
C GLN D 120 1.24 27.80 19.16
N LEU D 121 0.79 26.63 19.57
CA LEU D 121 1.45 25.83 20.60
C LEU D 121 2.86 25.37 20.17
N PHE D 122 3.07 25.28 18.85
CA PHE D 122 4.35 24.83 18.29
C PHE D 122 5.38 25.92 18.44
N LEU D 123 5.04 27.09 17.93
CA LEU D 123 5.94 28.24 17.95
C LEU D 123 6.33 28.63 19.37
N GLU D 124 5.36 28.64 20.29
CA GLU D 124 5.64 28.91 21.69
C GLU D 124 6.51 27.81 22.28
N GLY D 125 6.42 26.61 21.70
CA GLY D 125 7.29 25.53 22.12
C GLY D 125 8.73 25.82 21.73
N LEU D 126 8.92 26.32 20.51
CA LEU D 126 10.22 26.72 20.00
C LEU D 126 10.83 27.85 20.80
N ARG D 127 10.05 28.91 20.97
CA ARG D 127 10.46 30.10 21.68
C ARG D 127 11.12 29.84 23.05
N THR D 128 10.47 29.04 23.89
CA THR D 128 10.98 28.76 25.23
C THR D 128 11.87 27.52 25.29
N SER D 129 12.36 27.10 24.13
CA SER D 129 13.10 25.83 24.03
C SER D 129 14.60 26.01 24.30
N PRO D 130 15.21 24.98 24.91
CA PRO D 130 16.67 24.87 25.06
C PRO D 130 17.36 24.83 23.70
N GLU D 131 18.65 25.14 23.64
CA GLU D 131 19.35 25.22 22.37
C GLU D 131 19.54 23.85 21.71
N ASP D 132 19.53 22.79 22.51
CA ASP D 132 19.77 21.45 22.02
C ASP D 132 18.46 20.75 21.67
N ALA D 133 17.35 21.46 21.85
CA ALA D 133 16.03 20.88 21.63
C ALA D 133 15.86 20.45 20.19
N ARG D 134 15.21 19.30 20.00
CA ARG D 134 14.90 18.84 18.66
C ARG D 134 13.55 19.35 18.23
N THR D 135 13.50 19.91 17.03
CA THR D 135 12.28 20.50 16.50
C THR D 135 11.22 19.42 16.26
N SER D 136 11.66 18.26 15.75
CA SER D 136 10.76 17.12 15.56
C SER D 136 9.97 16.83 16.82
N ALA D 137 10.65 16.89 17.96
CA ALA D 137 10.01 16.59 19.24
C ALA D 137 9.11 17.74 19.69
N LEU D 138 9.56 18.97 19.49
CA LEU D 138 8.76 20.15 19.85
C LEU D 138 7.46 20.21 19.06
N CYS D 139 7.51 19.74 17.81
CA CYS D 139 6.32 19.74 16.98
C CYS D 139 5.39 18.62 17.44
N ALA D 140 5.99 17.45 17.70
CA ALA D 140 5.25 16.30 18.18
C ALA D 140 4.60 16.60 19.51
N ASP D 141 5.38 17.14 20.44
CA ASP D 141 4.89 17.46 21.78
C ASP D 141 3.70 18.42 21.72
N SER D 142 3.72 19.34 20.77
CA SER D 142 2.62 20.28 20.62
C SER D 142 1.46 19.65 19.82
N TYR D 143 1.79 18.71 18.94
CA TYR D 143 0.77 17.99 18.17
C TYR D 143 -0.13 17.17 19.08
N ASN D 144 0.49 16.41 19.98
CA ASN D 144 -0.24 15.55 20.90
C ASN D 144 -1.12 16.31 21.87
N ALA D 145 -0.79 17.57 22.11
CA ALA D 145 -1.53 18.36 23.08
C ALA D 145 -2.69 19.10 22.44
N SER D 146 -2.81 18.99 21.12
CA SER D 146 -3.78 19.81 20.39
C SER D 146 -4.61 19.04 19.36
N LEU D 147 -4.01 18.07 18.68
CA LEU D 147 -4.67 17.44 17.55
C LEU D 147 -4.84 15.92 17.67
N ALA D 148 -3.84 15.26 18.26
CA ALA D 148 -3.81 13.80 18.36
C ALA D 148 -5.15 13.17 18.78
N ALA D 149 -5.83 13.77 19.73
CA ALA D 149 -7.09 13.22 20.21
C ALA D 149 -8.17 13.21 19.12
N TYR D 150 -7.98 14.03 18.09
CA TYR D 150 -8.99 14.22 17.07
C TYR D 150 -8.63 13.56 15.72
N HIS D 151 -7.54 12.83 15.67
CA HIS D 151 -7.07 12.28 14.40
C HIS D 151 -7.11 10.76 14.37
N PRO D 152 -7.38 10.18 13.18
CA PRO D 152 -7.39 8.74 13.00
C PRO D 152 -6.00 8.17 13.16
N TRP D 153 -5.92 6.87 13.41
CA TRP D 153 -4.64 6.17 13.54
C TRP D 153 -3.74 6.42 12.33
N VAL D 154 -4.29 6.20 11.15
CA VAL D 154 -3.53 6.36 9.92
C VAL D 154 -2.97 7.77 9.80
N VAL D 155 -3.76 8.77 10.13
CA VAL D 155 -3.27 10.14 10.07
C VAL D 155 -2.15 10.36 11.10
N ARG D 156 -2.43 10.04 12.36
CA ARG D 156 -1.46 10.20 13.45
C ARG D 156 -0.07 9.64 13.11
N ARG D 157 -0.06 8.41 12.61
CA ARG D 157 1.19 7.73 12.34
C ARG D 157 1.89 8.39 11.14
N ALA D 158 1.08 8.85 10.19
CA ALA D 158 1.58 9.53 8.99
C ALA D 158 2.25 10.85 9.33
N VAL D 159 1.53 11.67 10.08
CA VAL D 159 1.99 12.98 10.53
C VAL D 159 3.35 12.87 11.24
N THR D 160 3.49 11.85 12.07
CA THR D 160 4.71 11.60 12.84
C THR D 160 5.93 11.43 11.92
N VAL D 161 5.71 10.87 10.74
CA VAL D 161 6.77 10.66 9.78
C VAL D 161 7.29 12.01 9.28
N ALA D 162 6.37 12.93 9.02
CA ALA D 162 6.71 14.27 8.56
C ALA D 162 7.53 15.07 9.56
N PHE D 163 7.20 14.92 10.85
CA PHE D 163 7.90 15.64 11.92
C PHE D 163 9.39 15.37 11.95
N CYS D 164 9.79 14.17 11.53
CA CYS D 164 11.19 13.78 11.59
C CYS D 164 12.00 14.39 10.44
N THR D 165 11.28 14.93 9.46
CA THR D 165 11.91 15.59 8.33
C THR D 165 12.12 17.08 8.62
N LEU D 166 11.97 17.46 9.88
CA LEU D 166 12.07 18.87 10.28
C LEU D 166 13.53 19.25 10.49
N PRO D 167 13.89 20.48 10.09
CA PRO D 167 15.22 21.06 10.34
C PRO D 167 15.52 21.08 11.83
N THR D 168 16.76 21.39 12.19
CA THR D 168 17.10 21.47 13.62
C THR D 168 16.57 22.79 14.16
N ARG D 169 16.58 22.92 15.48
CA ARG D 169 16.06 24.10 16.16
C ARG D 169 16.58 25.40 15.56
N GLU D 170 17.91 25.51 15.45
CA GLU D 170 18.56 26.72 14.94
C GLU D 170 18.20 27.01 13.49
N VAL D 171 18.34 26.01 12.62
CA VAL D 171 18.06 26.18 11.20
C VAL D 171 16.62 26.59 10.98
N PHE D 172 15.73 26.05 11.80
CA PHE D 172 14.31 26.30 11.65
C PHE D 172 14.00 27.77 11.94
N LEU D 173 14.59 28.29 13.00
CA LEU D 173 14.43 29.69 13.39
C LEU D 173 15.01 30.66 12.34
N GLU D 174 16.20 30.34 11.84
CA GLU D 174 16.84 31.13 10.80
C GLU D 174 15.95 31.22 9.56
N ALA D 175 15.31 30.10 9.22
CA ALA D 175 14.43 30.02 8.06
C ALA D 175 13.20 30.93 8.15
N MET D 176 13.04 31.65 9.26
CA MET D 176 11.92 32.56 9.42
C MET D 176 12.22 33.86 8.71
N ASN D 177 13.40 33.89 8.11
CA ASN D 177 13.88 35.00 7.32
C ASN D 177 13.82 36.30 8.12
N VAL D 178 14.35 36.26 9.33
CA VAL D 178 14.41 37.46 10.16
C VAL D 178 15.78 37.51 10.85
N GLY D 179 16.62 36.50 10.60
CA GLY D 179 17.97 36.45 11.14
C GLY D 179 18.28 35.33 12.12
N PRO D 180 19.34 35.52 12.95
CA PRO D 180 19.87 34.56 13.94
C PRO D 180 18.83 33.96 14.89
N PRO D 181 19.18 32.88 15.63
CA PRO D 181 18.21 32.23 16.53
C PRO D 181 17.51 33.14 17.52
N GLU D 182 18.27 33.76 18.40
CA GLU D 182 17.72 34.57 19.47
C GLU D 182 16.98 35.81 18.97
N GLN D 183 17.19 36.18 17.70
CA GLN D 183 16.47 37.30 17.11
C GLN D 183 15.09 36.85 16.65
N ALA D 184 14.98 35.60 16.24
CA ALA D 184 13.69 35.05 15.82
C ALA D 184 12.87 34.70 17.07
N VAL D 185 13.54 34.19 18.09
CA VAL D 185 12.94 33.94 19.40
C VAL D 185 12.30 35.21 19.97
N GLN D 186 12.87 36.37 19.63
CA GLN D 186 12.28 37.65 20.01
C GLN D 186 11.04 37.96 19.19
N MET D 187 11.19 37.89 17.87
CA MET D 187 10.08 38.14 16.95
C MET D 187 8.87 37.29 17.32
N LEU D 188 9.13 36.07 17.77
CA LEU D 188 8.07 35.15 18.19
C LEU D 188 7.28 35.74 19.36
N GLY D 189 7.97 35.97 20.47
CA GLY D 189 7.38 36.59 21.65
C GLY D 189 6.63 37.89 21.36
N GLU D 190 7.02 38.58 20.29
CA GLU D 190 6.43 39.86 19.95
C GLU D 190 5.33 39.75 18.90
N ALA D 191 5.14 38.57 18.33
CA ALA D 191 4.13 38.37 17.29
C ALA D 191 3.17 37.24 17.62
N LEU D 192 3.55 36.41 18.59
CA LEU D 192 2.72 35.28 19.02
C LEU D 192 1.36 35.67 19.63
N PRO D 193 1.31 36.69 20.53
CA PRO D 193 0.00 37.02 21.12
C PRO D 193 -1.13 37.34 20.12
N PHE D 194 -0.83 37.85 18.93
CA PHE D 194 -1.87 38.14 17.93
C PHE D 194 -2.67 36.90 17.57
N ILE D 195 -1.99 35.77 17.49
CA ILE D 195 -2.65 34.53 17.13
C ILE D 195 -3.21 33.87 18.38
N GLN D 196 -2.61 34.16 19.53
CA GLN D 196 -3.09 33.61 20.79
C GLN D 196 -4.47 34.17 21.14
N ARG D 197 -4.75 35.40 20.73
CA ARG D 197 -6.05 36.00 21.01
C ARG D 197 -7.15 35.54 20.07
N VAL D 198 -6.89 35.56 18.76
CA VAL D 198 -7.86 35.10 17.78
C VAL D 198 -8.25 33.64 18.08
N TYR D 199 -7.32 32.87 18.61
CA TYR D 199 -7.62 31.51 19.04
C TYR D 199 -8.55 31.49 20.25
N ASN D 200 -8.06 32.03 21.38
CA ASN D 200 -8.83 32.03 22.63
C ASN D 200 -10.23 32.61 22.49
N VAL D 201 -10.35 33.70 21.72
CA VAL D 201 -11.66 34.25 21.37
C VAL D 201 -12.49 33.20 20.67
N SER D 202 -11.91 32.57 19.66
CA SER D 202 -12.58 31.55 18.86
C SER D 202 -12.99 30.34 19.69
N GLN D 203 -12.15 30.00 20.66
CA GLN D 203 -12.43 28.87 21.54
C GLN D 203 -13.65 29.16 22.40
N LYS D 204 -13.73 30.40 22.88
CA LYS D 204 -14.89 30.90 23.64
C LYS D 204 -16.18 30.71 22.87
N LEU D 205 -16.22 31.30 21.69
CA LEU D 205 -17.37 31.18 20.79
C LEU D 205 -17.83 29.74 20.68
N TYR D 206 -16.88 28.83 20.46
CA TYR D 206 -17.20 27.43 20.28
C TYR D 206 -17.56 26.74 21.58
N ALA D 207 -16.81 27.04 22.64
CA ALA D 207 -17.08 26.46 23.96
C ALA D 207 -18.46 26.90 24.46
N GLU D 208 -18.84 28.12 24.14
CA GLU D 208 -20.16 28.64 24.51
C GLU D 208 -21.28 27.75 24.01
N HIS D 209 -21.26 27.47 22.70
CA HIS D 209 -22.36 26.74 22.09
C HIS D 209 -22.10 25.23 22.08
N SER D 210 -21.13 24.80 22.88
CA SER D 210 -20.79 23.38 23.00
C SER D 210 -20.51 22.75 21.65
N LEU D 211 -19.83 23.50 20.77
CA LEU D 211 -19.52 23.07 19.42
C LEU D 211 -18.11 22.49 19.34
N LEU D 212 -17.56 22.16 20.49
CA LEU D 212 -16.16 21.77 20.59
C LEU D 212 -15.92 20.37 20.08
N ASP D 213 -17.00 19.66 19.76
CA ASP D 213 -16.89 18.26 19.35
C ASP D 213 -17.77 17.91 18.16
N LEU D 214 -18.04 18.90 17.31
CA LEU D 214 -18.76 18.71 16.04
C LEU D 214 -18.13 17.62 15.18
N PRO D 215 -18.97 16.83 14.51
CA PRO D 215 -18.49 15.74 13.64
C PRO D 215 -18.25 16.23 12.22
N ASN E 10 27.37 5.61 17.49
CA ASN E 10 28.74 5.15 17.37
C ASN E 10 29.04 4.61 15.96
N LEU E 11 29.10 5.50 14.98
CA LEU E 11 29.21 5.07 13.58
C LEU E 11 30.66 4.84 13.13
N LYS E 12 31.60 5.59 13.71
CA LYS E 12 33.01 5.46 13.35
C LYS E 12 33.51 4.06 13.64
N VAL E 13 32.93 3.43 14.65
CA VAL E 13 33.27 2.06 15.02
C VAL E 13 33.08 1.14 13.81
N VAL E 14 31.92 1.27 13.17
CA VAL E 14 31.59 0.44 12.02
C VAL E 14 32.44 0.79 10.81
N LEU E 15 32.52 2.08 10.48
CA LEU E 15 33.26 2.55 9.31
C LEU E 15 34.76 2.26 9.36
N VAL E 16 35.27 1.87 10.53
CA VAL E 16 36.69 1.58 10.67
C VAL E 16 36.87 0.06 10.83
N SER E 17 35.77 -0.64 11.09
CA SER E 17 35.80 -2.09 11.15
C SER E 17 35.93 -2.72 9.76
N PHE E 18 36.01 -1.88 8.73
CA PHE E 18 36.26 -2.34 7.36
C PHE E 18 37.75 -2.48 7.13
N LYS E 19 38.53 -2.11 8.13
CA LYS E 19 39.97 -2.30 8.06
C LYS E 19 40.25 -3.78 8.20
N GLN E 20 39.49 -4.42 9.09
CA GLN E 20 39.68 -5.82 9.43
C GLN E 20 39.11 -6.76 8.36
N CYS E 21 38.53 -6.20 7.30
CA CYS E 21 37.98 -6.97 6.19
C CYS E 21 39.06 -7.40 5.21
N LEU E 22 40.02 -6.52 5.01
CA LEU E 22 41.17 -6.80 4.16
C LEU E 22 42.37 -7.29 4.98
N ASP E 23 42.85 -8.50 4.67
CA ASP E 23 44.03 -9.01 5.36
C ASP E 23 45.31 -8.58 4.63
N GLU E 24 46.43 -9.13 5.09
CA GLU E 24 47.75 -8.85 4.53
C GLU E 24 47.79 -9.05 3.02
N LYS E 25 47.16 -10.14 2.58
CA LYS E 25 47.19 -10.56 1.19
C LYS E 25 46.27 -9.73 0.29
N GLU E 26 45.65 -8.71 0.85
CA GLU E 26 44.73 -7.84 0.13
C GLU E 26 43.48 -8.63 -0.28
N GLU E 27 43.09 -9.58 0.57
CA GLU E 27 41.91 -10.40 0.36
C GLU E 27 40.73 -10.01 1.26
N VAL E 28 39.52 -10.04 0.72
CA VAL E 28 38.33 -9.74 1.52
C VAL E 28 37.87 -10.93 2.33
N LEU E 29 37.94 -10.81 3.65
CA LEU E 29 37.47 -11.86 4.53
C LEU E 29 35.98 -11.68 4.74
N LEU E 30 35.21 -12.76 4.59
CA LEU E 30 33.75 -12.62 4.65
C LEU E 30 33.27 -12.40 6.07
N ASP E 31 33.98 -12.91 7.05
CA ASP E 31 33.51 -12.85 8.43
C ASP E 31 33.57 -11.45 9.03
N PRO E 32 34.66 -10.69 8.77
CA PRO E 32 34.58 -9.29 9.18
C PRO E 32 33.58 -8.52 8.33
N TYR E 33 33.47 -8.91 7.05
CA TYR E 33 32.53 -8.33 6.10
C TYR E 33 31.09 -8.39 6.63
N ILE E 34 30.63 -9.60 6.94
CA ILE E 34 29.29 -9.80 7.51
C ILE E 34 29.12 -9.04 8.83
N ALA E 35 30.15 -9.07 9.65
CA ALA E 35 30.13 -8.38 10.93
C ALA E 35 29.99 -6.88 10.72
N SER E 36 30.86 -6.34 9.87
CA SER E 36 30.86 -4.92 9.54
C SER E 36 29.53 -4.49 8.90
N TRP E 37 28.89 -5.40 8.16
CA TRP E 37 27.61 -5.11 7.53
C TRP E 37 26.47 -5.03 8.53
N LYS E 38 26.46 -5.95 9.51
CA LYS E 38 25.47 -5.93 10.58
C LYS E 38 25.52 -4.62 11.36
N GLY E 39 26.72 -4.04 11.50
CA GLY E 39 26.89 -2.77 12.17
C GLY E 39 26.23 -1.64 11.39
N LEU E 40 26.30 -1.75 10.06
CA LEU E 40 25.68 -0.83 9.13
C LEU E 40 24.15 -0.98 9.10
N VAL E 41 23.68 -2.21 9.19
CA VAL E 41 22.25 -2.50 9.28
C VAL E 41 21.67 -1.81 10.51
N ARG E 42 22.37 -1.91 11.64
CA ARG E 42 21.94 -1.22 12.86
C ARG E 42 21.73 0.27 12.62
N PHE E 43 22.62 0.85 11.82
CA PHE E 43 22.60 2.29 11.52
C PHE E 43 21.41 2.66 10.64
N LEU E 44 20.99 1.76 9.78
CA LEU E 44 19.84 2.01 8.92
C LEU E 44 18.54 1.94 9.72
N ASN E 45 18.45 0.96 10.61
CA ASN E 45 17.32 0.84 11.54
C ASN E 45 17.14 2.12 12.36
N SER E 46 18.23 2.85 12.53
CA SER E 46 18.23 4.10 13.28
C SER E 46 17.95 5.31 12.38
N LEU E 47 17.19 5.10 11.31
CA LEU E 47 16.86 6.20 10.39
C LEU E 47 15.36 6.31 10.18
N GLY E 48 14.60 5.41 10.80
CA GLY E 48 13.16 5.42 10.69
C GLY E 48 12.64 4.00 10.57
N THR E 49 11.34 3.82 10.76
CA THR E 49 10.75 2.49 10.62
C THR E 49 10.59 2.13 9.15
N ILE E 50 10.64 3.12 8.28
CA ILE E 50 10.54 2.87 6.84
C ILE E 50 11.84 2.28 6.28
N PHE E 51 12.97 2.86 6.65
CA PHE E 51 14.29 2.32 6.29
C PHE E 51 14.53 0.91 6.83
N SER E 52 14.09 0.65 8.06
CA SER E 52 14.20 -0.68 8.66
C SER E 52 13.64 -1.79 7.76
N PHE E 53 12.56 -1.48 7.04
CA PHE E 53 11.95 -2.45 6.12
C PHE E 53 12.86 -2.71 4.93
N ILE E 54 13.54 -1.67 4.47
CA ILE E 54 14.48 -1.79 3.37
C ILE E 54 15.61 -2.75 3.73
N SER E 55 16.29 -2.48 4.84
CA SER E 55 17.42 -3.28 5.29
C SER E 55 17.03 -4.70 5.69
N LYS E 56 15.73 -5.01 5.64
CA LYS E 56 15.26 -6.36 5.98
C LYS E 56 15.82 -7.39 5.00
N ASP E 57 16.15 -6.92 3.80
CA ASP E 57 16.73 -7.76 2.75
C ASP E 57 18.22 -7.96 2.94
N VAL E 58 18.93 -6.88 3.25
CA VAL E 58 20.37 -6.95 3.49
C VAL E 58 20.66 -8.03 4.53
N VAL E 59 19.81 -8.12 5.54
CA VAL E 59 19.96 -9.12 6.58
C VAL E 59 19.73 -10.53 6.03
N SER E 60 18.67 -10.68 5.23
CA SER E 60 18.31 -11.96 4.65
C SER E 60 19.46 -12.56 3.85
N LYS E 61 20.29 -11.69 3.28
CA LYS E 61 21.44 -12.11 2.51
C LYS E 61 22.64 -12.41 3.41
N LEU E 62 22.80 -11.63 4.47
CA LEU E 62 23.84 -11.89 5.46
C LEU E 62 23.68 -13.28 6.08
N ARG E 63 22.44 -13.75 6.18
CA ARG E 63 22.18 -15.08 6.70
C ARG E 63 22.66 -16.15 5.73
N ILE E 64 22.33 -15.97 4.45
CA ILE E 64 22.74 -16.87 3.37
C ILE E 64 24.25 -17.11 3.40
N MET E 65 24.98 -16.05 3.71
CA MET E 65 26.43 -16.14 3.78
C MET E 65 26.92 -16.87 5.04
N GLU E 66 26.24 -16.65 6.15
CA GLU E 66 26.56 -17.35 7.38
C GLU E 66 26.24 -18.83 7.21
N ARG E 67 25.12 -19.12 6.58
CA ARG E 67 24.72 -20.50 6.30
C ARG E 67 25.73 -21.22 5.41
N LEU E 68 26.49 -20.44 4.65
CA LEU E 68 27.54 -20.99 3.80
C LEU E 68 28.86 -21.07 4.55
N ARG E 69 29.18 -19.98 5.27
CA ARG E 69 30.39 -19.92 6.08
C ARG E 69 30.34 -20.85 7.28
N GLY E 70 29.13 -21.31 7.61
CA GLY E 70 28.94 -22.27 8.67
C GLY E 70 28.56 -23.63 8.12
N GLY E 71 29.06 -23.95 6.94
CA GLY E 71 28.71 -25.20 6.29
C GLY E 71 29.89 -26.05 5.90
N PRO E 72 29.63 -27.18 5.22
CA PRO E 72 30.63 -28.14 4.72
C PRO E 72 31.82 -27.53 4.01
N GLN E 73 31.63 -26.37 3.38
CA GLN E 73 32.69 -25.74 2.60
C GLN E 73 33.12 -24.42 3.25
N SER E 74 32.92 -24.30 4.55
CA SER E 74 33.21 -23.08 5.32
C SER E 74 34.57 -22.45 5.01
N GLU E 75 35.55 -23.29 4.68
CA GLU E 75 36.89 -22.81 4.40
C GLU E 75 36.92 -22.13 3.04
N HIS E 76 36.00 -22.51 2.16
CA HIS E 76 35.97 -21.96 0.82
C HIS E 76 35.33 -20.59 0.84
N TYR E 77 34.60 -20.30 1.90
CA TYR E 77 33.94 -19.01 2.02
C TYR E 77 34.61 -18.13 3.07
N ARG E 78 35.83 -18.52 3.44
CA ARG E 78 36.63 -17.73 4.36
C ARG E 78 36.90 -16.35 3.77
N SER E 79 37.12 -16.32 2.46
CA SER E 79 37.34 -15.06 1.76
C SER E 79 36.53 -15.02 0.46
N LEU E 80 36.43 -13.83 -0.12
CA LEU E 80 35.67 -13.65 -1.36
C LEU E 80 36.32 -14.35 -2.55
N GLN E 81 37.62 -14.13 -2.74
CA GLN E 81 38.35 -14.80 -3.81
C GLN E 81 38.21 -16.31 -3.68
N ALA E 82 38.36 -16.81 -2.46
CA ALA E 82 38.15 -18.22 -2.14
C ALA E 82 36.78 -18.68 -2.61
N MET E 83 35.78 -17.84 -2.40
CA MET E 83 34.41 -18.11 -2.82
C MET E 83 34.25 -18.21 -4.33
N VAL E 84 34.69 -17.15 -5.01
CA VAL E 84 34.61 -17.06 -6.45
C VAL E 84 35.31 -18.25 -7.11
N ALA E 85 36.45 -18.63 -6.56
CA ALA E 85 37.20 -19.75 -7.09
C ALA E 85 36.40 -21.02 -6.98
N HIS E 86 35.93 -21.33 -5.77
CA HIS E 86 35.16 -22.53 -5.52
C HIS E 86 33.90 -22.63 -6.37
N GLU E 87 33.09 -21.57 -6.37
CA GLU E 87 31.78 -21.61 -7.01
C GLU E 87 31.83 -21.61 -8.53
N LEU E 88 32.66 -20.74 -9.11
CA LEU E 88 32.79 -20.67 -10.57
C LEU E 88 33.27 -21.97 -11.18
N SER E 89 34.23 -22.60 -10.50
CA SER E 89 34.87 -23.81 -11.02
C SER E 89 33.97 -25.02 -10.82
N ASN E 90 33.19 -25.04 -9.75
CA ASN E 90 32.22 -26.13 -9.56
C ASN E 90 30.87 -25.83 -10.22
N ARG E 91 30.82 -24.78 -11.01
CA ARG E 91 29.61 -24.38 -11.74
C ARG E 91 28.39 -24.14 -10.86
N LEU E 92 28.62 -23.52 -9.71
CA LEU E 92 27.55 -23.22 -8.76
C LEU E 92 26.92 -21.85 -8.97
N VAL E 93 27.32 -21.15 -10.03
CA VAL E 93 26.83 -19.81 -10.28
C VAL E 93 26.02 -19.68 -11.57
N ASP E 94 24.87 -19.03 -11.49
CA ASP E 94 24.11 -18.71 -12.69
C ASP E 94 24.67 -17.45 -13.33
N LEU E 95 25.31 -17.58 -14.49
CA LEU E 95 25.93 -16.43 -15.14
C LEU E 95 24.96 -15.75 -16.11
N GLU E 96 24.06 -16.53 -16.70
CA GLU E 96 23.13 -16.02 -17.69
C GLU E 96 21.88 -15.40 -17.06
N ARG E 97 20.95 -16.25 -16.61
CA ARG E 97 19.71 -15.76 -16.01
C ARG E 97 19.35 -16.55 -14.75
N ARG E 98 18.39 -16.02 -13.99
CA ARG E 98 17.95 -16.68 -12.76
C ARG E 98 17.52 -18.11 -13.04
N SER E 99 18.03 -19.04 -12.25
CA SER E 99 17.86 -20.45 -12.52
C SER E 99 18.31 -21.22 -11.29
N HIS E 100 18.77 -22.45 -11.52
CA HIS E 100 19.10 -23.39 -10.48
C HIS E 100 19.86 -22.90 -9.23
N HIS E 101 20.67 -21.86 -9.39
CA HIS E 101 21.48 -21.37 -8.27
C HIS E 101 21.11 -19.93 -7.92
N PRO E 102 19.94 -19.74 -7.28
CA PRO E 102 19.44 -18.39 -7.04
C PRO E 102 20.03 -17.76 -5.80
N GLU E 103 20.79 -18.52 -5.02
CA GLU E 103 21.35 -18.01 -3.77
C GLU E 103 22.83 -18.34 -3.66
N SER E 104 23.49 -18.48 -4.79
CA SER E 104 24.93 -18.71 -4.82
C SER E 104 25.66 -17.59 -4.10
N GLY E 105 26.85 -17.88 -3.59
CA GLY E 105 27.62 -16.89 -2.87
C GLY E 105 27.95 -15.69 -3.74
N CYS E 106 28.29 -15.94 -5.01
CA CYS E 106 28.74 -14.87 -5.88
C CYS E 106 27.67 -13.83 -6.16
N ARG E 107 26.46 -14.29 -6.46
CA ARG E 107 25.39 -13.35 -6.75
C ARG E 107 24.97 -12.62 -5.48
N THR E 108 25.10 -13.29 -4.34
CA THR E 108 24.68 -12.69 -3.07
C THR E 108 25.59 -11.53 -2.64
N VAL E 109 26.91 -11.74 -2.60
CA VAL E 109 27.82 -10.64 -2.28
C VAL E 109 27.64 -9.50 -3.25
N LEU E 110 27.46 -9.84 -4.53
CA LEU E 110 27.30 -8.84 -5.56
C LEU E 110 26.17 -7.90 -5.17
N ARG E 111 25.10 -8.45 -4.61
CA ARG E 111 24.01 -7.61 -4.13
C ARG E 111 24.43 -6.77 -2.94
N LEU E 112 25.14 -7.36 -1.98
CA LEU E 112 25.68 -6.60 -0.86
C LEU E 112 26.68 -5.56 -1.34
N HIS E 113 27.54 -5.98 -2.25
CA HIS E 113 28.58 -5.14 -2.83
C HIS E 113 28.03 -3.82 -3.36
N ARG E 114 27.03 -3.90 -4.23
CA ARG E 114 26.42 -2.71 -4.80
C ARG E 114 25.84 -1.76 -3.76
N ALA E 115 25.23 -2.33 -2.72
CA ALA E 115 24.62 -1.54 -1.64
C ALA E 115 25.69 -0.80 -0.87
N LEU E 116 26.82 -1.46 -0.61
CA LEU E 116 27.95 -0.87 0.06
C LEU E 116 28.48 0.30 -0.76
N HIS E 117 28.38 0.18 -2.09
CA HIS E 117 28.79 1.26 -2.99
C HIS E 117 27.91 2.49 -2.84
N TRP E 118 26.61 2.27 -2.64
CA TRP E 118 25.66 3.37 -2.48
C TRP E 118 25.90 4.21 -1.21
N LEU E 119 26.12 3.55 -0.06
CA LEU E 119 26.41 4.23 1.20
C LEU E 119 27.69 5.05 1.15
N GLN E 120 28.73 4.47 0.57
CA GLN E 120 29.99 5.16 0.44
C GLN E 120 29.81 6.45 -0.36
N LEU E 121 29.17 6.33 -1.52
CA LEU E 121 28.87 7.49 -2.34
C LEU E 121 27.91 8.44 -1.62
N PHE E 122 27.13 7.88 -0.70
CA PHE E 122 26.16 8.64 0.08
C PHE E 122 26.89 9.45 1.15
N LEU E 123 27.63 8.75 2.00
CA LEU E 123 28.35 9.37 3.11
C LEU E 123 29.33 10.42 2.58
N GLU E 124 30.02 10.07 1.50
CA GLU E 124 30.96 11.00 0.86
C GLU E 124 30.19 12.19 0.31
N GLY E 125 28.92 11.99 -0.04
CA GLY E 125 28.07 13.08 -0.50
C GLY E 125 27.77 14.06 0.62
N LEU E 126 27.50 13.52 1.80
CA LEU E 126 27.24 14.32 3.00
C LEU E 126 28.46 15.14 3.39
N ARG E 127 29.59 14.47 3.51
CA ARG E 127 30.85 15.09 3.87
C ARG E 127 31.15 16.34 3.04
N THR E 128 31.02 16.23 1.72
CA THR E 128 31.33 17.33 0.82
C THR E 128 30.13 18.23 0.53
N SER E 129 29.08 18.12 1.34
CA SER E 129 27.83 18.82 1.06
C SER E 129 27.81 20.23 1.64
N PRO E 130 27.19 21.16 0.91
CA PRO E 130 26.87 22.50 1.43
C PRO E 130 25.96 22.37 2.65
N GLU E 131 25.89 23.39 3.48
CA GLU E 131 25.12 23.31 4.71
C GLU E 131 23.61 23.20 4.47
N ASP E 132 23.15 23.71 3.33
CA ASP E 132 21.72 23.76 3.04
C ASP E 132 21.22 22.54 2.28
N ALA E 133 22.13 21.60 2.02
CA ALA E 133 21.77 20.41 1.24
C ALA E 133 20.69 19.61 1.95
N ARG E 134 19.75 19.10 1.17
CA ARG E 134 18.69 18.27 1.70
C ARG E 134 19.14 16.82 1.64
N THR E 135 18.94 16.09 2.73
CA THR E 135 19.42 14.71 2.83
C THR E 135 18.69 13.82 1.83
N SER E 136 17.38 14.05 1.70
CA SER E 136 16.57 13.35 0.71
C SER E 136 17.21 13.42 -0.67
N ALA E 137 17.76 14.58 -1.00
CA ALA E 137 18.39 14.80 -2.30
C ALA E 137 19.80 14.20 -2.40
N LEU E 138 20.58 14.29 -1.33
CA LEU E 138 21.92 13.71 -1.28
C LEU E 138 21.84 12.20 -1.40
N CYS E 139 20.74 11.66 -0.88
CA CYS E 139 20.50 10.23 -0.88
C CYS E 139 20.16 9.68 -2.24
N ALA E 140 19.23 10.36 -2.90
CA ALA E 140 18.77 10.02 -4.23
C ALA E 140 19.91 10.09 -5.24
N ASP E 141 20.66 11.19 -5.20
CA ASP E 141 21.74 11.42 -6.16
C ASP E 141 22.78 10.29 -6.15
N SER E 142 23.06 9.75 -4.96
CA SER E 142 24.01 8.64 -4.82
C SER E 142 23.33 7.30 -5.10
N TYR E 143 22.02 7.25 -4.88
CA TYR E 143 21.24 6.07 -5.20
C TYR E 143 21.23 5.83 -6.71
N ASN E 144 20.91 6.89 -7.46
CA ASN E 144 20.80 6.82 -8.91
C ASN E 144 22.12 6.47 -9.61
N ALA E 145 23.23 6.74 -8.94
CA ALA E 145 24.54 6.51 -9.51
C ALA E 145 25.09 5.13 -9.16
N SER E 146 24.36 4.39 -8.33
CA SER E 146 24.87 3.13 -7.80
C SER E 146 23.89 1.94 -7.85
N LEU E 147 22.61 2.19 -7.60
CA LEU E 147 21.65 1.10 -7.45
C LEU E 147 20.47 1.16 -8.43
N ALA E 148 20.04 2.38 -8.76
CA ALA E 148 18.87 2.59 -9.64
C ALA E 148 18.89 1.67 -10.86
N ALA E 149 20.07 1.47 -11.43
CA ALA E 149 20.24 0.64 -12.61
C ALA E 149 19.90 -0.84 -12.35
N TYR E 150 20.01 -1.26 -11.08
CA TYR E 150 19.88 -2.67 -10.75
C TYR E 150 18.60 -2.98 -10.00
N HIS E 151 17.72 -1.99 -9.90
CA HIS E 151 16.49 -2.16 -9.14
C HIS E 151 15.26 -2.02 -10.03
N PRO E 152 14.20 -2.77 -9.70
CA PRO E 152 12.94 -2.66 -10.43
C PRO E 152 12.27 -1.32 -10.20
N TRP E 153 11.36 -0.94 -11.08
CA TRP E 153 10.58 0.29 -10.97
C TRP E 153 9.91 0.40 -9.61
N VAL E 154 9.23 -0.67 -9.23
CA VAL E 154 8.49 -0.74 -7.97
C VAL E 154 9.39 -0.51 -6.75
N VAL E 155 10.58 -1.10 -6.77
CA VAL E 155 11.52 -0.90 -5.67
C VAL E 155 11.96 0.57 -5.62
N ARG E 156 12.48 1.06 -6.75
CA ARG E 156 12.94 2.44 -6.89
C ARG E 156 11.95 3.47 -6.35
N ARG E 157 10.68 3.34 -6.72
CA ARG E 157 9.69 4.33 -6.33
C ARG E 157 9.45 4.24 -4.84
N ALA E 158 9.49 3.02 -4.32
CA ALA E 158 9.34 2.78 -2.90
C ALA E 158 10.51 3.44 -2.14
N VAL E 159 11.71 3.15 -2.63
CA VAL E 159 12.93 3.72 -2.09
C VAL E 159 12.87 5.26 -2.05
N THR E 160 12.35 5.86 -3.11
CA THR E 160 12.21 7.32 -3.19
C THR E 160 11.33 7.88 -2.07
N VAL E 161 10.30 7.13 -1.69
CA VAL E 161 9.41 7.52 -0.59
C VAL E 161 10.19 7.47 0.71
N ALA E 162 11.01 6.44 0.86
CA ALA E 162 11.83 6.28 2.06
C ALA E 162 12.80 7.44 2.20
N PHE E 163 13.33 7.88 1.07
CA PHE E 163 14.28 8.97 1.05
C PHE E 163 13.72 10.28 1.62
N CYS E 164 12.41 10.50 1.47
CA CYS E 164 11.80 11.75 1.90
C CYS E 164 11.55 11.80 3.41
N THR E 165 11.64 10.64 4.04
CA THR E 165 11.47 10.54 5.50
C THR E 165 12.81 10.70 6.21
N LEU E 166 13.80 11.19 5.50
CA LEU E 166 15.12 11.33 6.06
C LEU E 166 15.26 12.60 6.88
N PRO E 167 16.01 12.51 7.99
CA PRO E 167 16.35 13.71 8.76
C PRO E 167 17.10 14.70 7.89
N THR E 168 17.26 15.93 8.36
CA THR E 168 18.00 16.90 7.59
C THR E 168 19.48 16.66 7.77
N ARG E 169 20.30 17.31 6.94
CA ARG E 169 21.74 17.15 6.92
C ARG E 169 22.39 17.23 8.29
N GLU E 170 22.12 18.31 9.01
CA GLU E 170 22.71 18.54 10.33
C GLU E 170 22.23 17.49 11.34
N VAL E 171 20.92 17.24 11.36
CA VAL E 171 20.33 16.26 12.27
C VAL E 171 20.87 14.86 11.99
N PHE E 172 21.15 14.57 10.73
CA PHE E 172 21.68 13.28 10.32
C PHE E 172 23.12 13.10 10.82
N LEU E 173 23.94 14.12 10.61
CA LEU E 173 25.34 14.09 10.99
C LEU E 173 25.51 13.97 12.51
N GLU E 174 24.66 14.70 13.24
CA GLU E 174 24.65 14.63 14.70
C GLU E 174 24.35 13.20 15.18
N ALA E 175 23.44 12.52 14.48
CA ALA E 175 23.02 11.17 14.84
C ALA E 175 24.12 10.10 14.78
N MET E 176 25.33 10.50 14.39
CA MET E 176 26.44 9.56 14.33
C MET E 176 27.11 9.37 15.68
N ASN E 177 26.60 10.05 16.70
CA ASN E 177 27.18 9.99 18.04
C ASN E 177 28.67 10.23 17.94
N VAL E 178 29.01 11.34 17.28
CA VAL E 178 30.40 11.75 17.15
C VAL E 178 30.58 13.24 17.44
N GLY E 179 29.47 13.89 17.75
CA GLY E 179 29.48 15.31 18.07
C GLY E 179 28.77 16.11 17.00
N PRO E 180 29.05 17.43 16.93
CA PRO E 180 28.49 18.41 15.97
C PRO E 180 28.62 17.99 14.50
N PRO E 181 27.90 18.66 13.56
CA PRO E 181 27.99 18.33 12.13
C PRO E 181 29.43 18.40 11.64
N GLU E 182 30.08 19.55 11.81
CA GLU E 182 31.45 19.73 11.33
C GLU E 182 32.39 18.77 12.05
N GLN E 183 31.91 18.22 13.15
CA GLN E 183 32.63 17.21 13.92
C GLN E 183 32.43 15.80 13.32
N ALA E 184 31.27 15.57 12.70
CA ALA E 184 30.99 14.30 12.03
C ALA E 184 31.64 14.26 10.65
N VAL E 185 31.57 15.39 9.94
CA VAL E 185 32.21 15.55 8.64
C VAL E 185 33.71 15.25 8.61
N GLN E 186 34.41 15.51 9.72
CA GLN E 186 35.84 15.18 9.81
C GLN E 186 36.03 13.67 9.93
N MET E 187 35.33 13.07 10.89
CA MET E 187 35.35 11.66 11.15
C MET E 187 35.04 10.84 9.91
N LEU E 188 34.16 11.36 9.06
CA LEU E 188 33.85 10.71 7.80
C LEU E 188 35.14 10.61 6.97
N GLY E 189 35.71 11.76 6.63
CA GLY E 189 36.95 11.82 5.87
C GLY E 189 38.07 10.96 6.43
N GLU E 190 38.02 10.70 7.73
CA GLU E 190 39.08 9.93 8.40
C GLU E 190 38.71 8.46 8.57
N ALA E 191 37.47 8.11 8.24
CA ALA E 191 36.99 6.73 8.39
C ALA E 191 36.43 6.19 7.09
N LEU E 192 36.16 7.08 6.14
CA LEU E 192 35.62 6.67 4.85
C LEU E 192 36.55 5.80 4.01
N PRO E 193 37.86 6.15 3.92
CA PRO E 193 38.72 5.34 3.05
C PRO E 193 38.70 3.82 3.32
N PHE E 194 38.42 3.42 4.55
CA PHE E 194 38.35 2.00 4.91
C PHE E 194 37.32 1.22 4.10
N ILE E 195 36.16 1.83 3.88
CA ILE E 195 35.08 1.15 3.16
C ILE E 195 35.26 1.34 1.67
N GLN E 196 35.96 2.40 1.29
CA GLN E 196 36.21 2.67 -0.11
C GLN E 196 37.18 1.65 -0.71
N ARG E 197 38.09 1.15 0.12
CA ARG E 197 39.12 0.23 -0.36
C ARG E 197 38.59 -1.20 -0.44
N VAL E 198 37.90 -1.63 0.60
CA VAL E 198 37.24 -2.95 0.62
C VAL E 198 36.28 -3.08 -0.55
N TYR E 199 35.68 -1.97 -0.95
CA TYR E 199 34.83 -1.91 -2.13
C TYR E 199 35.64 -2.13 -3.40
N ASN E 200 36.57 -1.21 -3.66
CA ASN E 200 37.39 -1.21 -4.87
C ASN E 200 38.07 -2.54 -5.13
N VAL E 201 38.59 -3.16 -4.07
CA VAL E 201 39.19 -4.48 -4.17
C VAL E 201 38.11 -5.48 -4.66
N SER E 202 36.92 -5.47 -4.05
CA SER E 202 35.83 -6.37 -4.44
C SER E 202 35.34 -6.13 -5.87
N GLN E 203 35.29 -4.85 -6.26
CA GLN E 203 34.85 -4.48 -7.59
C GLN E 203 35.82 -5.01 -8.62
N LYS E 204 37.11 -4.93 -8.31
CA LYS E 204 38.15 -5.53 -9.14
C LYS E 204 37.92 -7.04 -9.31
N LEU E 205 37.84 -7.75 -8.18
CA LEU E 205 37.58 -9.19 -8.17
C LEU E 205 36.42 -9.58 -9.07
N TYR E 206 35.32 -8.87 -8.94
CA TYR E 206 34.12 -9.18 -9.71
C TYR E 206 34.25 -8.79 -11.17
N ALA E 207 34.87 -7.64 -11.43
CA ALA E 207 35.07 -7.20 -12.81
C ALA E 207 35.99 -8.17 -13.55
N GLU E 208 36.97 -8.71 -12.83
CA GLU E 208 37.91 -9.68 -13.37
C GLU E 208 37.21 -10.90 -13.98
N HIS E 209 36.38 -11.53 -13.18
CA HIS E 209 35.72 -12.78 -13.57
C HIS E 209 34.38 -12.52 -14.25
N SER E 210 34.19 -11.29 -14.70
CA SER E 210 32.96 -10.89 -15.40
C SER E 210 31.71 -11.20 -14.59
N LEU E 211 31.78 -11.00 -13.28
CA LEU E 211 30.68 -11.30 -12.37
C LEU E 211 29.87 -10.04 -12.01
N LEU E 212 30.04 -8.99 -12.81
CA LEU E 212 29.48 -7.68 -12.49
C LEU E 212 27.98 -7.55 -12.76
N ASP E 213 27.36 -8.56 -13.36
CA ASP E 213 25.95 -8.49 -13.73
C ASP E 213 25.21 -9.79 -13.44
N LEU E 214 25.68 -10.52 -12.44
CA LEU E 214 25.03 -11.75 -12.00
C LEU E 214 23.55 -11.51 -11.75
N PRO E 215 22.70 -12.47 -12.14
CA PRO E 215 21.25 -12.40 -11.96
C PRO E 215 20.82 -12.96 -10.59
N ASN F 10 -11.84 22.67 -21.78
CA ASN F 10 -11.43 23.46 -22.94
C ASN F 10 -10.18 22.82 -23.55
N LEU F 11 -10.38 21.74 -24.29
CA LEU F 11 -9.27 20.92 -24.78
C LEU F 11 -8.60 21.43 -26.07
N LYS F 12 -9.35 22.13 -26.90
CA LYS F 12 -8.83 22.62 -28.18
C LYS F 12 -7.66 23.61 -28.03
N VAL F 13 -7.68 24.41 -26.96
CA VAL F 13 -6.62 25.41 -26.72
C VAL F 13 -5.23 24.76 -26.65
N VAL F 14 -5.09 23.67 -25.89
CA VAL F 14 -3.79 23.00 -25.76
C VAL F 14 -3.39 22.31 -27.06
N LEU F 15 -4.34 21.58 -27.66
CA LEU F 15 -4.08 20.84 -28.90
C LEU F 15 -3.64 21.73 -30.07
N VAL F 16 -3.79 23.04 -29.94
CA VAL F 16 -3.33 23.92 -31.00
C VAL F 16 -2.14 24.73 -30.51
N SER F 17 -1.90 24.67 -29.20
CA SER F 17 -0.75 25.33 -28.57
C SER F 17 0.56 24.60 -28.88
N PHE F 18 0.44 23.49 -29.62
CA PHE F 18 1.58 22.72 -30.14
C PHE F 18 2.06 23.23 -31.51
N LYS F 19 1.38 24.25 -32.04
CA LYS F 19 1.78 24.86 -33.29
C LYS F 19 3.07 25.64 -33.13
N GLN F 20 3.12 26.39 -32.05
CA GLN F 20 4.26 27.23 -31.75
C GLN F 20 5.40 26.39 -31.18
N CYS F 21 5.19 25.07 -31.11
CA CYS F 21 6.21 24.15 -30.61
C CYS F 21 7.21 23.94 -31.72
N LEU F 22 6.69 23.90 -32.95
CA LEU F 22 7.53 23.83 -34.13
C LEU F 22 7.74 25.23 -34.69
N ASP F 23 9.00 25.64 -34.78
CA ASP F 23 9.31 26.93 -35.36
C ASP F 23 9.50 26.85 -36.86
N GLU F 24 9.94 27.96 -37.43
CA GLU F 24 10.17 28.09 -38.87
C GLU F 24 11.09 26.97 -39.34
N LYS F 25 12.13 26.71 -38.55
CA LYS F 25 13.18 25.75 -38.87
C LYS F 25 12.77 24.29 -38.67
N GLU F 26 11.50 24.05 -38.32
CA GLU F 26 11.01 22.70 -38.03
C GLU F 26 11.72 22.19 -36.77
N GLU F 27 12.00 23.12 -35.87
CA GLU F 27 12.63 22.79 -34.60
C GLU F 27 11.66 22.83 -33.44
N VAL F 28 11.78 21.85 -32.55
CA VAL F 28 10.93 21.78 -31.38
C VAL F 28 11.47 22.68 -30.28
N LEU F 29 10.74 23.75 -29.97
CA LEU F 29 11.15 24.64 -28.90
C LEU F 29 10.61 24.06 -27.60
N LEU F 30 11.45 24.01 -26.58
CA LEU F 30 11.09 23.37 -25.32
C LEU F 30 10.05 24.19 -24.56
N ASP F 31 10.01 25.48 -24.83
CA ASP F 31 9.16 26.40 -24.09
C ASP F 31 7.64 26.23 -24.36
N PRO F 32 7.23 26.07 -25.64
CA PRO F 32 5.82 25.76 -25.92
C PRO F 32 5.47 24.32 -25.56
N TYR F 33 6.45 23.45 -25.75
CA TYR F 33 6.34 22.04 -25.45
C TYR F 33 5.88 21.84 -24.01
N ILE F 34 6.66 22.37 -23.09
CA ILE F 34 6.35 22.34 -21.68
C ILE F 34 5.03 23.05 -21.38
N ALA F 35 4.77 24.17 -22.06
CA ALA F 35 3.53 24.91 -21.85
C ALA F 35 2.32 24.06 -22.21
N SER F 36 2.35 23.50 -23.42
CA SER F 36 1.31 22.60 -23.87
C SER F 36 1.25 21.33 -23.02
N TRP F 37 2.40 20.88 -22.54
CA TRP F 37 2.48 19.66 -21.74
C TRP F 37 1.86 19.88 -20.36
N LYS F 38 2.19 21.00 -19.72
CA LYS F 38 1.54 21.34 -18.46
C LYS F 38 0.04 21.51 -18.69
N GLY F 39 -0.29 22.05 -19.86
CA GLY F 39 -1.67 22.26 -20.27
C GLY F 39 -2.48 21.00 -20.47
N LEU F 40 -1.84 19.96 -21.01
CA LEU F 40 -2.51 18.66 -21.15
C LEU F 40 -2.60 17.99 -19.77
N VAL F 41 -1.61 18.21 -18.91
CA VAL F 41 -1.67 17.71 -17.52
C VAL F 41 -2.93 18.23 -16.85
N ARG F 42 -3.21 19.52 -17.04
CA ARG F 42 -4.44 20.14 -16.56
C ARG F 42 -5.64 19.34 -17.03
N PHE F 43 -5.55 18.84 -18.25
CA PHE F 43 -6.61 18.02 -18.83
C PHE F 43 -6.63 16.63 -18.20
N LEU F 44 -5.45 16.12 -17.82
CA LEU F 44 -5.34 14.79 -17.24
C LEU F 44 -5.90 14.71 -15.82
N ASN F 45 -5.55 15.70 -15.01
CA ASN F 45 -6.11 15.87 -13.68
C ASN F 45 -7.64 15.96 -13.72
N SER F 46 -8.18 16.32 -14.88
CA SER F 46 -9.63 16.45 -15.06
C SER F 46 -10.34 15.15 -15.42
N LEU F 47 -9.77 14.01 -15.04
CA LEU F 47 -10.39 12.70 -15.29
C LEU F 47 -10.55 11.91 -14.00
N GLY F 48 -10.10 12.50 -12.89
CA GLY F 48 -10.20 11.83 -11.61
C GLY F 48 -8.95 12.04 -10.79
N THR F 49 -9.02 11.75 -9.50
CA THR F 49 -7.86 11.85 -8.64
C THR F 49 -6.92 10.66 -8.83
N ILE F 50 -7.43 9.61 -9.47
CA ILE F 50 -6.63 8.43 -9.79
C ILE F 50 -5.68 8.71 -10.96
N PHE F 51 -6.20 9.30 -12.03
CA PHE F 51 -5.37 9.72 -13.15
C PHE F 51 -4.33 10.74 -12.71
N SER F 52 -4.77 11.67 -11.86
CA SER F 52 -3.89 12.68 -11.27
C SER F 52 -2.67 12.03 -10.65
N PHE F 53 -2.85 10.86 -10.05
CA PHE F 53 -1.75 10.16 -9.41
C PHE F 53 -0.78 9.66 -10.47
N ILE F 54 -1.32 9.22 -11.60
CA ILE F 54 -0.50 8.82 -12.75
C ILE F 54 0.30 10.04 -13.21
N SER F 55 -0.40 11.14 -13.46
CA SER F 55 0.22 12.38 -13.91
C SER F 55 1.16 13.02 -12.89
N LYS F 56 1.24 12.47 -11.68
CA LYS F 56 2.14 13.01 -10.67
C LYS F 56 3.60 12.85 -11.16
N ASP F 57 3.80 11.95 -12.13
CA ASP F 57 5.12 11.75 -12.70
C ASP F 57 5.52 12.74 -13.79
N VAL F 58 4.65 12.92 -14.78
CA VAL F 58 4.90 13.84 -15.89
C VAL F 58 5.23 15.25 -15.41
N VAL F 59 4.54 15.69 -14.37
CA VAL F 59 4.76 17.02 -13.81
C VAL F 59 6.17 17.08 -13.22
N SER F 60 6.57 16.04 -12.48
CA SER F 60 7.91 15.97 -11.90
C SER F 60 8.98 16.06 -12.99
N LYS F 61 8.63 15.61 -14.19
CA LYS F 61 9.53 15.67 -15.34
C LYS F 61 9.51 17.05 -15.99
N LEU F 62 8.34 17.68 -16.02
CA LEU F 62 8.22 19.04 -16.52
C LEU F 62 9.08 19.97 -15.67
N ARG F 63 9.25 19.63 -14.40
CA ARG F 63 10.12 20.38 -13.49
C ARG F 63 11.58 20.23 -13.88
N ILE F 64 11.99 18.99 -14.14
CA ILE F 64 13.36 18.69 -14.57
C ILE F 64 13.79 19.52 -15.78
N MET F 65 12.87 19.71 -16.72
CA MET F 65 13.16 20.49 -17.92
C MET F 65 13.19 21.98 -17.59
N GLU F 66 12.32 22.40 -16.69
CA GLU F 66 12.30 23.78 -16.20
C GLU F 66 13.57 24.06 -15.41
N ARG F 67 13.94 23.10 -14.58
CA ARG F 67 15.12 23.20 -13.73
C ARG F 67 16.40 23.34 -14.56
N LEU F 68 16.32 22.91 -15.81
CA LEU F 68 17.45 23.01 -16.73
C LEU F 68 17.47 24.33 -17.53
N ARG F 69 16.32 24.70 -18.09
CA ARG F 69 16.22 25.93 -18.88
C ARG F 69 16.35 27.19 -18.05
N GLY F 70 16.31 27.05 -16.73
CA GLY F 70 16.52 28.17 -15.83
C GLY F 70 17.88 28.08 -15.17
N GLY F 71 18.85 27.51 -15.89
CA GLY F 71 20.17 27.32 -15.33
C GLY F 71 21.27 27.93 -16.18
N PRO F 72 22.54 27.70 -15.79
CA PRO F 72 23.76 28.17 -16.45
C PRO F 72 23.76 27.99 -17.96
N GLN F 73 22.99 26.99 -18.37
CA GLN F 73 22.94 26.54 -19.76
C GLN F 73 21.58 26.80 -20.47
N SER F 74 20.78 27.72 -19.95
CA SER F 74 19.45 28.03 -20.50
C SER F 74 19.41 28.18 -22.02
N GLU F 75 20.52 28.62 -22.61
CA GLU F 75 20.60 28.86 -24.03
C GLU F 75 20.60 27.56 -24.81
N HIS F 76 21.19 26.53 -24.22
CA HIS F 76 21.28 25.22 -24.85
C HIS F 76 19.98 24.45 -24.67
N TYR F 77 19.18 24.91 -23.71
CA TYR F 77 17.96 24.20 -23.36
C TYR F 77 16.78 24.85 -24.07
N ARG F 78 17.11 25.71 -25.02
CA ARG F 78 16.14 26.37 -25.89
C ARG F 78 15.35 25.41 -26.79
N SER F 79 16.02 24.45 -27.43
CA SER F 79 15.32 23.50 -28.30
C SER F 79 15.81 22.07 -28.13
N LEU F 80 15.10 21.13 -28.72
CA LEU F 80 15.46 19.71 -28.66
C LEU F 80 16.75 19.43 -29.43
N GLN F 81 16.81 19.89 -30.68
CA GLN F 81 18.02 19.71 -31.51
C GLN F 81 19.25 20.29 -30.84
N ALA F 82 19.09 21.52 -30.34
CA ALA F 82 20.13 22.17 -29.55
C ALA F 82 20.51 21.25 -28.40
N MET F 83 19.49 20.65 -27.77
CA MET F 83 19.68 19.75 -26.62
C MET F 83 20.45 18.53 -26.96
N VAL F 84 19.93 17.82 -27.94
CA VAL F 84 20.52 16.60 -28.44
C VAL F 84 21.97 16.84 -28.80
N ALA F 85 22.25 18.02 -29.34
CA ALA F 85 23.60 18.36 -29.82
C ALA F 85 24.69 18.42 -28.74
N HIS F 86 24.53 19.28 -27.74
CA HIS F 86 25.45 19.39 -26.53
C HIS F 86 25.45 18.21 -25.57
N GLU F 87 24.32 17.74 -25.00
CA GLU F 87 24.44 16.67 -24.01
C GLU F 87 25.12 15.43 -24.58
N LEU F 88 24.72 15.02 -25.78
CA LEU F 88 25.32 13.83 -26.36
C LEU F 88 26.83 14.04 -26.48
N SER F 89 27.22 15.26 -26.88
CA SER F 89 28.63 15.57 -27.13
C SER F 89 29.45 15.85 -25.88
N ASN F 90 28.83 16.45 -24.88
CA ASN F 90 29.49 16.72 -23.62
C ASN F 90 29.37 15.51 -22.71
N ARG F 91 28.82 14.45 -23.30
CA ARG F 91 28.67 13.16 -22.68
C ARG F 91 27.86 13.22 -21.38
N LEU F 92 26.81 14.04 -21.39
CA LEU F 92 25.90 14.19 -20.27
C LEU F 92 24.75 13.19 -20.35
N VAL F 93 24.81 12.29 -21.32
CA VAL F 93 23.76 11.29 -21.46
C VAL F 93 24.34 9.89 -21.24
N ASP F 94 23.65 9.12 -20.39
CA ASP F 94 23.99 7.73 -20.20
C ASP F 94 23.33 6.93 -21.32
N LEU F 95 24.14 6.41 -22.23
CA LEU F 95 23.62 5.76 -23.42
C LEU F 95 23.42 4.26 -23.24
N GLU F 96 24.26 3.64 -22.43
CA GLU F 96 24.18 2.19 -22.23
C GLU F 96 23.15 1.86 -21.17
N ARG F 97 23.49 2.10 -19.90
CA ARG F 97 22.54 1.82 -18.84
C ARG F 97 22.46 2.97 -17.85
N ARG F 98 21.43 2.94 -17.00
CA ARG F 98 21.18 3.97 -15.99
C ARG F 98 22.39 4.17 -15.08
N SER F 99 22.80 5.41 -14.89
CA SER F 99 24.04 5.69 -14.19
C SER F 99 24.08 7.17 -13.84
N HIS F 100 25.29 7.70 -13.75
CA HIS F 100 25.52 9.07 -13.27
C HIS F 100 24.56 10.16 -13.76
N HIS F 101 23.97 9.98 -14.95
CA HIS F 101 23.03 11.00 -15.46
C HIS F 101 21.62 10.46 -15.63
N PRO F 102 20.89 10.32 -14.52
CA PRO F 102 19.54 9.76 -14.47
C PRO F 102 18.46 10.81 -14.76
N GLU F 103 18.86 12.07 -14.90
CA GLU F 103 17.90 13.14 -15.16
C GLU F 103 18.36 14.02 -16.30
N SER F 104 19.14 13.46 -17.22
CA SER F 104 19.56 14.18 -18.43
C SER F 104 18.34 14.61 -19.23
N GLY F 105 18.51 15.66 -20.02
CA GLY F 105 17.41 16.18 -20.83
C GLY F 105 16.85 15.19 -21.83
N CYS F 106 17.75 14.42 -22.44
CA CYS F 106 17.39 13.51 -23.52
C CYS F 106 16.46 12.38 -23.08
N ARG F 107 16.79 11.75 -21.95
CA ARG F 107 15.97 10.65 -21.43
C ARG F 107 14.64 11.16 -20.87
N THR F 108 14.65 12.38 -20.33
CA THR F 108 13.44 12.95 -19.72
C THR F 108 12.38 13.23 -20.78
N VAL F 109 12.79 13.96 -21.83
CA VAL F 109 11.90 14.28 -22.94
C VAL F 109 11.40 13.00 -23.59
N LEU F 110 12.30 12.02 -23.72
CA LEU F 110 11.96 10.73 -24.29
C LEU F 110 10.78 10.08 -23.57
N ARG F 111 10.79 10.17 -22.24
CA ARG F 111 9.71 9.62 -21.43
C ARG F 111 8.46 10.44 -21.67
N LEU F 112 8.64 11.76 -21.70
CA LEU F 112 7.56 12.66 -22.01
C LEU F 112 7.07 12.40 -23.42
N HIS F 113 8.01 12.25 -24.35
CA HIS F 113 7.69 11.99 -25.75
C HIS F 113 6.77 10.79 -25.96
N ARG F 114 7.17 9.64 -25.42
CA ARG F 114 6.40 8.41 -25.54
C ARG F 114 4.98 8.59 -24.99
N ALA F 115 4.85 9.37 -23.92
CA ALA F 115 3.55 9.63 -23.32
C ALA F 115 2.68 10.39 -24.31
N LEU F 116 3.29 11.32 -25.03
CA LEU F 116 2.59 12.07 -26.07
C LEU F 116 2.07 11.17 -27.17
N HIS F 117 2.82 10.13 -27.50
CA HIS F 117 2.40 9.21 -28.54
C HIS F 117 1.16 8.48 -28.09
N TRP F 118 1.13 8.13 -26.81
CA TRP F 118 -0.02 7.46 -26.26
C TRP F 118 -1.23 8.37 -26.31
N LEU F 119 -1.07 9.62 -25.89
CA LEU F 119 -2.16 10.58 -25.90
C LEU F 119 -2.70 10.85 -27.31
N GLN F 120 -1.80 11.05 -28.26
CA GLN F 120 -2.20 11.25 -29.64
C GLN F 120 -2.97 10.05 -30.20
N LEU F 121 -2.39 8.86 -30.01
CA LEU F 121 -3.04 7.61 -30.44
C LEU F 121 -4.33 7.37 -29.66
N PHE F 122 -4.39 7.96 -28.47
CA PHE F 122 -5.54 7.87 -27.58
C PHE F 122 -6.66 8.72 -28.16
N LEU F 123 -6.39 10.01 -28.35
CA LEU F 123 -7.36 10.94 -28.89
C LEU F 123 -7.80 10.57 -30.31
N GLU F 124 -6.86 10.14 -31.14
CA GLU F 124 -7.15 9.74 -32.51
C GLU F 124 -8.07 8.52 -32.59
N GLY F 125 -8.00 7.67 -31.56
CA GLY F 125 -8.87 6.52 -31.46
C GLY F 125 -10.30 6.97 -31.23
N LEU F 126 -10.45 7.99 -30.41
CA LEU F 126 -11.75 8.58 -30.10
C LEU F 126 -12.41 9.10 -31.36
N ARG F 127 -11.68 9.93 -32.10
CA ARG F 127 -12.17 10.45 -33.37
C ARG F 127 -12.64 9.31 -34.26
N THR F 128 -11.86 8.23 -34.29
CA THR F 128 -12.13 7.07 -35.12
C THR F 128 -13.05 6.06 -34.41
N SER F 129 -13.70 6.46 -33.32
CA SER F 129 -14.46 5.50 -32.55
C SER F 129 -15.91 5.36 -33.02
N PRO F 130 -16.41 4.12 -33.02
CA PRO F 130 -17.82 3.76 -33.21
C PRO F 130 -18.72 4.32 -32.11
N GLU F 131 -20.02 4.38 -32.39
CA GLU F 131 -21.02 4.91 -31.46
C GLU F 131 -21.18 4.02 -30.23
N ASP F 132 -20.77 2.76 -30.34
CA ASP F 132 -20.82 1.81 -29.21
C ASP F 132 -19.48 1.50 -28.51
N ALA F 133 -18.37 2.05 -29.04
CA ALA F 133 -17.05 1.80 -28.46
C ALA F 133 -16.88 2.39 -27.06
N ARG F 134 -16.23 1.62 -26.17
CA ARG F 134 -15.90 2.10 -24.83
C ARG F 134 -14.49 2.68 -24.82
N THR F 135 -14.32 3.86 -24.21
CA THR F 135 -13.03 4.55 -24.21
C THR F 135 -11.94 3.79 -23.43
N SER F 136 -12.34 3.12 -22.35
CA SER F 136 -11.40 2.28 -21.57
C SER F 136 -10.62 1.35 -22.48
N ALA F 137 -11.30 0.79 -23.48
CA ALA F 137 -10.65 -0.08 -24.46
C ALA F 137 -9.88 0.77 -25.45
N LEU F 138 -10.46 1.91 -25.83
CA LEU F 138 -9.81 2.84 -26.74
C LEU F 138 -8.54 3.39 -26.12
N CYS F 139 -8.56 3.57 -24.80
CA CYS F 139 -7.40 4.05 -24.06
C CYS F 139 -6.38 2.93 -23.92
N ALA F 140 -6.86 1.73 -23.58
CA ALA F 140 -6.01 0.54 -23.44
C ALA F 140 -5.34 0.16 -24.75
N ASP F 141 -6.13 0.10 -25.83
CA ASP F 141 -5.63 -0.29 -27.15
C ASP F 141 -4.50 0.61 -27.61
N SER F 142 -4.59 1.90 -27.28
CA SER F 142 -3.55 2.85 -27.65
C SER F 142 -2.39 2.79 -26.66
N TYR F 143 -2.68 2.41 -25.43
CA TYR F 143 -1.63 2.24 -24.42
C TYR F 143 -0.73 1.07 -24.81
N ASN F 144 -1.35 -0.05 -25.17
CA ASN F 144 -0.61 -1.25 -25.53
C ASN F 144 0.27 -1.03 -26.75
N ALA F 145 -0.12 -0.05 -27.57
CA ALA F 145 0.58 0.22 -28.82
C ALA F 145 1.66 1.28 -28.65
N SER F 146 1.77 1.86 -27.46
CA SER F 146 2.69 2.99 -27.26
C SER F 146 3.55 2.93 -26.01
N LEU F 147 2.99 2.44 -24.90
CA LEU F 147 3.66 2.52 -23.61
C LEU F 147 3.88 1.17 -22.94
N ALA F 148 2.92 0.25 -23.13
CA ALA F 148 2.98 -1.08 -22.53
C ALA F 148 4.35 -1.74 -22.67
N ALA F 149 4.95 -1.60 -23.84
CA ALA F 149 6.25 -2.20 -24.14
C ALA F 149 7.36 -1.58 -23.27
N TYR F 150 7.12 -0.37 -22.79
CA TYR F 150 8.12 0.40 -22.07
C TYR F 150 7.79 0.48 -20.58
N HIS F 151 6.78 -0.28 -20.17
CA HIS F 151 6.33 -0.22 -18.79
C HIS F 151 6.54 -1.55 -18.06
N PRO F 152 6.89 -1.49 -16.77
CA PRO F 152 7.04 -2.64 -15.88
C PRO F 152 5.71 -3.31 -15.62
N TRP F 153 5.74 -4.57 -15.18
CA TRP F 153 4.53 -5.32 -14.87
C TRP F 153 3.56 -4.59 -13.93
N VAL F 154 4.08 -4.13 -12.80
CA VAL F 154 3.29 -3.44 -11.78
C VAL F 154 2.62 -2.18 -12.34
N VAL F 155 3.37 -1.42 -13.14
CA VAL F 155 2.83 -0.23 -13.79
C VAL F 155 1.73 -0.61 -14.77
N ARG F 156 2.05 -1.55 -15.67
CA ARG F 156 1.13 -2.02 -16.70
C ARG F 156 -0.26 -2.32 -16.14
N ARG F 157 -0.29 -3.11 -15.06
CA ARG F 157 -1.54 -3.51 -14.45
C ARG F 157 -2.19 -2.37 -13.67
N ALA F 158 -1.36 -1.53 -13.04
CA ALA F 158 -1.86 -0.38 -12.28
C ALA F 158 -2.58 0.62 -13.17
N VAL F 159 -1.92 1.01 -14.26
CA VAL F 159 -2.50 1.93 -15.23
C VAL F 159 -3.86 1.45 -15.77
N THR F 160 -3.98 0.16 -16.05
CA THR F 160 -5.24 -0.41 -16.57
C THR F 160 -6.39 -0.16 -15.58
N VAL F 161 -6.06 -0.09 -14.29
CA VAL F 161 -7.05 0.19 -13.25
C VAL F 161 -7.58 1.62 -13.44
N ALA F 162 -6.67 2.55 -13.71
CA ALA F 162 -7.06 3.93 -13.99
C ALA F 162 -7.93 3.98 -15.24
N PHE F 163 -7.60 3.15 -16.22
CA PHE F 163 -8.36 3.07 -17.46
C PHE F 163 -9.83 2.71 -17.18
N CYS F 164 -10.06 2.00 -16.10
CA CYS F 164 -11.41 1.55 -15.76
C CYS F 164 -12.26 2.62 -15.08
N THR F 165 -11.64 3.69 -14.60
CA THR F 165 -12.36 4.79 -13.94
C THR F 165 -12.79 5.93 -14.84
N LEU F 166 -12.73 5.72 -16.16
CA LEU F 166 -13.10 6.79 -17.09
C LEU F 166 -14.59 6.85 -17.37
N PRO F 167 -15.10 8.08 -17.56
CA PRO F 167 -16.48 8.28 -18.01
C PRO F 167 -16.74 7.55 -19.31
N THR F 168 -17.99 7.48 -19.74
CA THR F 168 -18.27 6.83 -21.00
C THR F 168 -17.85 7.79 -22.11
N ARG F 169 -17.84 7.25 -23.31
CA ARG F 169 -17.43 7.94 -24.52
C ARG F 169 -17.97 9.35 -24.70
N GLU F 170 -19.29 9.43 -24.62
CA GLU F 170 -20.06 10.62 -24.91
C GLU F 170 -19.74 11.71 -23.91
N VAL F 171 -19.82 11.39 -22.61
CA VAL F 171 -19.54 12.38 -21.58
C VAL F 171 -18.10 12.89 -21.71
N PHE F 172 -17.20 12.00 -22.13
CA PHE F 172 -15.79 12.37 -22.30
C PHE F 172 -15.65 13.37 -23.44
N LEU F 173 -16.36 13.10 -24.53
CA LEU F 173 -16.35 13.95 -25.71
C LEU F 173 -16.88 15.35 -25.35
N GLU F 174 -17.98 15.39 -24.60
CA GLU F 174 -18.56 16.64 -24.10
C GLU F 174 -17.64 17.40 -23.15
N ALA F 175 -16.93 16.65 -22.31
CA ALA F 175 -16.04 17.22 -21.30
C ALA F 175 -14.92 18.09 -21.89
N MET F 176 -14.88 18.16 -23.22
CA MET F 176 -13.90 18.96 -23.93
C MET F 176 -14.35 20.44 -23.99
N ASN F 177 -15.53 20.71 -23.44
CA ASN F 177 -16.15 22.04 -23.45
C ASN F 177 -16.22 22.66 -24.83
N VAL F 178 -16.76 21.91 -25.78
CA VAL F 178 -16.92 22.42 -27.13
C VAL F 178 -18.29 22.00 -27.68
N GLY F 179 -19.09 21.33 -26.85
CA GLY F 179 -20.42 20.90 -27.28
C GLY F 179 -20.66 19.41 -27.39
N PRO F 180 -21.59 19.02 -28.25
CA PRO F 180 -22.09 17.64 -28.40
C PRO F 180 -21.06 16.63 -28.88
N PRO F 181 -21.40 15.34 -28.90
CA PRO F 181 -20.31 14.37 -29.18
C PRO F 181 -19.55 14.62 -30.50
N GLU F 182 -20.29 14.59 -31.60
CA GLU F 182 -19.78 14.64 -32.97
C GLU F 182 -19.05 15.92 -33.42
N GLN F 183 -19.12 16.99 -32.65
CA GLN F 183 -18.43 18.24 -33.01
C GLN F 183 -16.93 18.17 -32.72
N ALA F 184 -16.59 17.39 -31.69
CA ALA F 184 -15.22 17.21 -31.23
C ALA F 184 -14.49 16.30 -32.18
N VAL F 185 -15.21 15.31 -32.69
CA VAL F 185 -14.70 14.41 -33.71
C VAL F 185 -14.16 15.26 -34.87
N GLN F 186 -14.80 16.40 -35.10
CA GLN F 186 -14.32 17.39 -36.06
C GLN F 186 -13.18 18.20 -35.46
N MET F 187 -13.43 18.78 -34.29
CA MET F 187 -12.42 19.56 -33.58
C MET F 187 -11.13 18.78 -33.35
N LEU F 188 -11.26 17.50 -33.03
CA LEU F 188 -10.10 16.64 -32.84
C LEU F 188 -9.35 16.57 -34.15
N GLY F 189 -10.04 16.05 -35.17
CA GLY F 189 -9.50 15.95 -36.53
C GLY F 189 -8.89 17.23 -37.08
N GLU F 190 -9.35 18.37 -36.59
CA GLU F 190 -8.87 19.65 -37.08
C GLU F 190 -7.78 20.22 -36.17
N ALA F 191 -7.53 19.55 -35.05
CA ALA F 191 -6.53 20.00 -34.08
C ALA F 191 -5.48 18.91 -33.80
N LEU F 192 -5.79 17.68 -34.20
CA LEU F 192 -4.87 16.56 -34.02
C LEU F 192 -3.57 16.67 -34.83
N PRO F 193 -3.64 17.03 -36.14
CA PRO F 193 -2.41 17.15 -36.93
C PRO F 193 -1.37 18.08 -36.29
N PHE F 194 -1.82 19.02 -35.49
CA PHE F 194 -0.92 19.94 -34.80
C PHE F 194 0.08 19.16 -33.96
N ILE F 195 -0.40 18.09 -33.34
CA ILE F 195 0.44 17.33 -32.43
C ILE F 195 1.23 16.17 -33.09
N GLN F 196 0.66 15.58 -34.14
CA GLN F 196 1.31 14.47 -34.86
C GLN F 196 2.59 14.93 -35.54
N ARG F 197 2.63 16.22 -35.88
CA ARG F 197 3.78 16.81 -36.56
C ARG F 197 4.88 17.05 -35.53
N VAL F 198 4.51 17.60 -34.38
CA VAL F 198 5.45 17.78 -33.26
C VAL F 198 5.99 16.41 -32.81
N TYR F 199 5.15 15.40 -32.93
CA TYR F 199 5.56 14.03 -32.61
C TYR F 199 6.58 13.48 -33.59
N ASN F 200 6.18 13.33 -34.85
CA ASN F 200 7.02 12.73 -35.88
C ASN F 200 8.41 13.37 -36.02
N VAL F 201 8.48 14.69 -36.00
CA VAL F 201 9.75 15.40 -36.01
C VAL F 201 10.60 14.97 -34.81
N SER F 202 10.00 14.92 -33.63
CA SER F 202 10.71 14.51 -32.41
C SER F 202 11.18 13.07 -32.54
N GLN F 203 10.35 12.25 -33.17
CA GLN F 203 10.68 10.84 -33.39
C GLN F 203 11.86 10.62 -34.33
N LYS F 204 11.89 11.37 -35.43
CA LYS F 204 13.02 11.33 -36.36
C LYS F 204 14.32 11.71 -35.63
N LEU F 205 14.32 12.88 -34.99
CA LEU F 205 15.45 13.37 -34.21
C LEU F 205 16.06 12.33 -33.28
N TYR F 206 15.20 11.62 -32.54
CA TYR F 206 15.68 10.61 -31.60
C TYR F 206 16.16 9.38 -32.36
N ALA F 207 15.44 9.03 -33.42
CA ALA F 207 15.81 7.90 -34.27
C ALA F 207 17.15 8.16 -34.95
N GLU F 208 17.37 9.41 -35.34
CA GLU F 208 18.63 9.81 -35.98
C GLU F 208 19.85 9.46 -35.14
N HIS F 209 19.85 9.89 -33.87
CA HIS F 209 21.00 9.67 -33.01
C HIS F 209 20.89 8.38 -32.20
N SER F 210 19.98 7.49 -32.61
CA SER F 210 19.73 6.24 -31.91
C SER F 210 19.39 6.48 -30.44
N LEU F 211 18.57 7.50 -30.19
CA LEU F 211 18.17 7.88 -28.84
C LEU F 211 16.81 7.29 -28.49
N LEU F 212 16.40 6.28 -29.26
CA LEU F 212 15.05 5.73 -29.14
C LEU F 212 14.86 4.83 -27.91
N ASP F 213 15.94 4.52 -27.21
CA ASP F 213 15.85 3.58 -26.09
C ASP F 213 16.68 3.93 -24.84
N LEU F 214 16.94 5.22 -24.60
CA LEU F 214 17.64 5.65 -23.39
C LEU F 214 17.07 5.13 -22.08
N PRO F 215 17.96 4.74 -21.15
CA PRO F 215 17.61 4.26 -19.81
C PRO F 215 17.58 5.41 -18.81
#